data_5F0A
#
_entry.id   5F0A
#
_cell.length_a   192.172
_cell.length_b   117.452
_cell.length_c   67.699
_cell.angle_alpha   90.00
_cell.angle_beta   94.55
_cell.angle_gamma   90.00
#
_symmetry.space_group_name_H-M   'C 1 2 1'
#
loop_
_entity.id
_entity.type
_entity.pdbx_description
1 polymer 'cGMP-dependent protein kinase, putative'
2 non-polymer 1-tert-butyl-3-(3-chlorophenoxy)-1H-pyrazolo[3,4-d]pyrimidin-4-amine
3 water water
#
_entity_poly.entity_id   1
_entity_poly.type   'polypeptide(L)'
_entity_poly.pdbx_seq_one_letter_code
;GMRCNERNKKKAIFSNDDFSGEDTLMEDHLQLREKLSEDIEMIKASLKNNLVCSTLNDNEILTLSNYMQFFVFKGGDLVI
KQGEKGSYFFIINSGKFDVYVNDKKVKSMGKGSSFGEAALIHNTQRSATIMAETDGTLWGVQRSTFRATLKQLSNRNFNE
NRSFIDSVSVFDMLTEAQKNMITNACVIQMFKPGETIVKQGDYGDVLFILKEGKATVFINDKEIRVLNKGSYFGERALLY
DEPRSATIIAKEPTACASICRKLLNIVLGNLQVVLFRNIMTEALQQSEIFRQFSAEQLNDLADTAIVRDYPANYHILHKD
KVKSVKYLIVLEGKVELFLDDESIGILTRGKSFGDQYVLNQKQKFRHTVKSLDVCKIALITESCLADCLGDNNIDASIDH
NNKKSIIKKMYIFRYLSEQQCNLLIEAFRTTRYEEGDYIIQEGEVGSRFYIIKNGEVEVTKNGKRLRTLGKNDYFGERAL
LYDEPRTASIISKATSVECWFVDKSVFLQIIQGPMLTHLEERIKMQDTKVEMHELETERIIGRGTFGTVKLVHHKPTQIR
YALKCVSKRSIISLNQQNNIKLEREITAENDHPFIIRLVRTFKDSNCFYFLTELVTGGELYDAIRKLGLLSKPQAQFYLG
SIILAIEYLHERNIVYRDLKPENILLDKQGYVKLIDFGCAKKIQGRAYTLVGTPHYMAPEVILGKGYGCTVDIWALGVCL
YEFICGPLPFGNDQEDQLEIFRDILTGQLTFPDYVSDQDSINLMKRLLCRLPQGRIGCSINGFKDIKEHAFFGNFNWDKL
AGRLLEPPLVSKGETYAEDIDIKQIEEEDALNEGEPLDGDDSWDVDF
;
_entity_poly.pdbx_strand_id   A
#
loop_
_chem_comp.id
_chem_comp.type
_chem_comp.name
_chem_comp.formula
1FB non-polymer 1-tert-butyl-3-(3-chlorophenoxy)-1H-pyrazolo[3,4-d]pyrimidin-4-amine 'C15 H16 Cl N5 O'
#
# COMPACT_ATOMS: atom_id res chain seq x y z
N GLY A 1 -17.78 -39.75 -54.53
CA GLY A 1 -17.02 -39.47 -53.27
C GLY A 1 -16.04 -38.32 -53.40
N MET A 2 -16.53 -37.10 -53.20
CA MET A 2 -15.71 -35.88 -53.33
C MET A 2 -14.83 -35.68 -52.10
N ARG A 3 -13.79 -34.87 -52.30
CA ARG A 3 -12.80 -34.58 -51.28
C ARG A 3 -12.95 -33.14 -50.82
N CYS A 4 -12.46 -32.86 -49.61
CA CYS A 4 -12.47 -31.51 -49.05
C CYS A 4 -11.38 -30.67 -49.74
N ASN A 5 -11.78 -29.52 -50.31
CA ASN A 5 -10.85 -28.64 -51.06
C ASN A 5 -10.41 -27.37 -50.32
N GLU A 6 -10.56 -27.34 -48.99
CA GLU A 6 -10.25 -26.14 -48.21
C GLU A 6 -10.01 -26.50 -46.75
N LYS A 9 -7.68 -24.68 -44.21
CA LYS A 9 -6.98 -25.93 -44.43
C LYS A 9 -6.54 -26.53 -43.08
N LYS A 10 -6.69 -27.85 -42.94
CA LYS A 10 -6.31 -28.59 -41.71
C LYS A 10 -4.82 -28.45 -41.36
N LYS A 11 -4.53 -28.14 -40.09
CA LYS A 11 -3.19 -27.74 -39.63
C LYS A 11 -2.55 -28.72 -38.65
N ALA A 12 -1.22 -28.80 -38.68
CA ALA A 12 -0.46 -29.74 -37.86
C ALA A 12 -0.32 -29.28 -36.42
N ILE A 13 0.02 -30.22 -35.54
CA ILE A 13 0.21 -29.96 -34.11
C ILE A 13 1.70 -29.98 -33.78
N PHE A 14 2.16 -28.97 -33.03
CA PHE A 14 3.57 -28.80 -32.66
C PHE A 14 3.84 -29.22 -31.20
N SER A 15 5.12 -29.18 -30.82
CA SER A 15 5.57 -29.44 -29.44
C SER A 15 5.60 -28.13 -28.64
N GLY A 21 13.69 -29.66 -18.74
CA GLY A 21 14.94 -30.39 -18.99
C GLY A 21 15.31 -31.31 -17.85
N GLU A 22 15.33 -30.76 -16.63
CA GLU A 22 15.60 -31.52 -15.41
C GLU A 22 14.38 -32.32 -14.96
N ASP A 23 13.18 -31.78 -15.19
CA ASP A 23 11.91 -32.46 -14.91
C ASP A 23 11.69 -33.72 -15.79
N THR A 24 12.29 -33.74 -16.98
CA THR A 24 12.22 -34.90 -17.88
C THR A 24 13.01 -36.11 -17.35
N LEU A 25 14.15 -35.85 -16.72
CA LEU A 25 15.00 -36.91 -16.15
C LEU A 25 14.39 -37.55 -14.90
N MET A 26 13.85 -36.74 -13.99
CA MET A 26 13.24 -37.23 -12.74
C MET A 26 11.97 -38.03 -12.97
N GLU A 27 11.29 -37.77 -14.09
CA GLU A 27 10.17 -38.59 -14.54
C GLU A 27 10.61 -40.06 -14.78
N ASP A 28 11.83 -40.27 -15.29
CA ASP A 28 12.38 -41.62 -15.49
C ASP A 28 12.57 -42.38 -14.17
N HIS A 29 12.96 -41.65 -13.12
CA HIS A 29 13.22 -42.24 -11.80
C HIS A 29 12.02 -42.25 -10.83
N LEU A 30 10.97 -41.48 -11.16
CA LEU A 30 9.76 -41.36 -10.32
C LEU A 30 9.07 -42.70 -10.07
N GLN A 31 8.48 -42.85 -8.88
CA GLN A 31 7.88 -44.11 -8.46
C GLN A 31 6.90 -43.91 -7.29
N LEU A 32 5.80 -44.68 -7.31
CA LEU A 32 4.87 -44.71 -6.17
C LEU A 32 5.51 -45.43 -4.99
N ARG A 33 5.34 -44.87 -3.80
CA ARG A 33 5.73 -45.54 -2.55
C ARG A 33 4.95 -44.92 -1.39
N GLU A 34 4.27 -45.79 -0.62
CA GLU A 34 3.49 -45.35 0.54
C GLU A 34 4.41 -44.82 1.63
N LYS A 35 4.09 -43.64 2.15
CA LYS A 35 4.94 -42.98 3.14
C LYS A 35 4.67 -43.58 4.53
N LEU A 36 5.71 -44.16 5.11
CA LEU A 36 5.63 -44.77 6.45
C LEU A 36 6.06 -43.77 7.51
N SER A 37 5.92 -44.16 8.78
CA SER A 37 6.30 -43.30 9.91
C SER A 37 7.79 -42.91 9.94
N GLU A 38 8.67 -43.83 9.54
CA GLU A 38 10.12 -43.57 9.48
C GLU A 38 10.47 -42.49 8.45
N ASP A 39 9.72 -42.46 7.34
CA ASP A 39 9.95 -41.48 6.27
C ASP A 39 9.51 -40.08 6.71
N ILE A 40 8.23 -39.97 7.10
CA ILE A 40 7.63 -38.69 7.52
C ILE A 40 8.50 -37.95 8.56
N GLU A 41 9.03 -38.70 9.52
CA GLU A 41 9.87 -38.11 10.58
C GLU A 41 11.24 -37.65 10.10
N MET A 42 11.81 -38.31 9.10
CA MET A 42 13.08 -37.86 8.50
C MET A 42 12.86 -36.65 7.58
N ILE A 43 11.72 -36.61 6.89
CA ILE A 43 11.34 -35.45 6.07
C ILE A 43 11.10 -34.26 6.99
N LYS A 44 10.21 -34.45 7.96
CA LYS A 44 9.89 -33.43 8.97
C LYS A 44 11.15 -32.90 9.68
N ALA A 45 12.12 -33.77 9.93
CA ALA A 45 13.41 -33.37 10.51
C ALA A 45 14.25 -32.55 9.53
N SER A 46 14.32 -33.02 8.29
CA SER A 46 15.13 -32.39 7.25
C SER A 46 14.60 -31.02 6.80
N LEU A 47 13.27 -30.88 6.75
CA LEU A 47 12.62 -29.60 6.43
C LEU A 47 12.71 -28.57 7.56
N LYS A 48 12.67 -29.00 8.82
CA LYS A 48 12.85 -28.07 9.97
C LYS A 48 14.22 -27.37 9.95
N ASN A 49 15.25 -28.00 9.36
CA ASN A 49 16.56 -27.38 9.16
C ASN A 49 16.72 -26.63 7.82
N ASN A 50 15.74 -26.73 6.94
CA ASN A 50 15.75 -26.04 5.65
C ASN A 50 15.54 -24.53 5.79
N LEU A 51 16.17 -23.77 4.90
CA LEU A 51 16.16 -22.30 4.92
C LEU A 51 14.76 -21.68 4.95
N VAL A 52 13.93 -22.08 3.99
CA VAL A 52 12.57 -21.53 3.86
C VAL A 52 11.54 -22.16 4.82
N CYS A 53 11.66 -23.46 5.09
CA CYS A 53 10.67 -24.21 5.87
C CYS A 53 10.81 -24.13 7.39
N SER A 54 11.94 -23.63 7.89
CA SER A 54 12.24 -23.61 9.33
C SER A 54 11.20 -22.86 10.17
N THR A 55 10.67 -21.76 9.62
CA THR A 55 9.65 -20.96 10.29
C THR A 55 8.27 -21.65 10.40
N LEU A 56 8.01 -22.64 9.56
CA LEU A 56 6.68 -23.26 9.45
C LEU A 56 6.31 -24.13 10.65
N ASN A 57 5.02 -24.14 10.98
CA ASN A 57 4.50 -25.00 12.07
C ASN A 57 4.34 -26.44 11.59
N ASP A 58 4.01 -27.34 12.53
CA ASP A 58 3.98 -28.79 12.26
C ASP A 58 2.96 -29.22 11.20
N ASN A 59 1.77 -28.61 11.19
CA ASN A 59 0.74 -28.94 10.20
CA ASN A 59 0.72 -28.93 10.21
C ASN A 59 1.12 -28.53 8.78
N GLU A 60 1.86 -27.41 8.65
CA GLU A 60 2.35 -26.96 7.35
C GLU A 60 3.48 -27.84 6.82
N ILE A 61 4.40 -28.25 7.70
CA ILE A 61 5.49 -29.18 7.34
C ILE A 61 4.98 -30.60 7.07
N LEU A 62 3.92 -31.01 7.77
CA LEU A 62 3.26 -32.29 7.49
C LEU A 62 2.59 -32.31 6.11
N THR A 63 2.00 -31.18 5.71
CA THR A 63 1.38 -31.05 4.38
C THR A 63 2.44 -31.12 3.28
N LEU A 64 3.56 -30.43 3.46
CA LEU A 64 4.69 -30.48 2.52
C LEU A 64 5.27 -31.88 2.38
N SER A 65 5.40 -32.57 3.51
CA SER A 65 5.94 -33.94 3.53
C SER A 65 5.20 -34.89 2.61
N ASN A 66 3.89 -34.74 2.50
CA ASN A 66 3.07 -35.60 1.62
C ASN A 66 3.22 -35.31 0.13
N TYR A 67 3.51 -34.07 -0.22
CA TYR A 67 3.74 -33.70 -1.63
C TYR A 67 5.11 -34.13 -2.17
N MET A 68 6.02 -34.50 -1.27
CA MET A 68 7.28 -35.14 -1.66
C MET A 68 7.00 -36.43 -2.43
N GLN A 69 7.87 -36.74 -3.39
CA GLN A 69 7.72 -37.90 -4.26
C GLN A 69 8.97 -38.78 -4.20
N PHE A 70 8.77 -40.09 -4.35
CA PHE A 70 9.87 -41.06 -4.27
C PHE A 70 10.54 -41.20 -5.64
N PHE A 71 11.87 -41.20 -5.65
CA PHE A 71 12.67 -41.39 -6.86
C PHE A 71 13.71 -42.47 -6.60
N VAL A 72 13.77 -43.46 -7.49
CA VAL A 72 14.68 -44.61 -7.34
C VAL A 72 15.83 -44.50 -8.34
N PHE A 73 17.05 -44.71 -7.85
CA PHE A 73 18.27 -44.63 -8.65
C PHE A 73 19.13 -45.90 -8.51
N LYS A 74 19.71 -46.33 -9.63
CA LYS A 74 20.77 -47.34 -9.64
C LYS A 74 22.11 -46.62 -9.45
N GLY A 75 23.17 -47.39 -9.14
CA GLY A 75 24.51 -46.85 -9.03
C GLY A 75 25.00 -46.30 -10.36
N GLY A 76 25.75 -45.20 -10.31
CA GLY A 76 26.24 -44.53 -11.53
C GLY A 76 25.13 -43.92 -12.37
N ASP A 77 24.15 -43.29 -11.72
CA ASP A 77 23.08 -42.56 -12.39
C ASP A 77 23.22 -41.06 -12.09
N LEU A 78 22.86 -40.24 -13.07
CA LEU A 78 22.90 -38.79 -12.92
C LEU A 78 21.62 -38.29 -12.24
N VAL A 79 21.79 -37.41 -11.26
CA VAL A 79 20.67 -36.75 -10.57
C VAL A 79 20.52 -35.33 -11.13
N ILE A 80 21.52 -34.48 -10.87
CA ILE A 80 21.53 -33.10 -11.38
C ILE A 80 22.90 -32.80 -12.00
N LYS A 81 22.93 -31.93 -13.02
CA LYS A 81 24.17 -31.59 -13.74
C LYS A 81 24.52 -30.10 -13.57
N GLN A 82 25.77 -29.81 -13.25
CA GLN A 82 26.25 -28.44 -13.07
C GLN A 82 26.19 -27.63 -14.38
N GLY A 83 25.23 -26.72 -14.48
CA GLY A 83 24.96 -25.97 -15.71
C GLY A 83 23.50 -26.03 -16.12
N GLU A 84 22.83 -27.15 -15.80
CA GLU A 84 21.39 -27.33 -16.03
C GLU A 84 20.56 -26.42 -15.12
N LYS A 85 19.37 -26.03 -15.59
CA LYS A 85 18.45 -25.17 -14.83
C LYS A 85 17.86 -25.95 -13.64
N GLY A 86 17.92 -25.36 -12.46
CA GLY A 86 17.59 -26.05 -11.21
C GLY A 86 16.11 -25.98 -10.85
N SER A 87 15.51 -27.13 -10.59
CA SER A 87 14.07 -27.25 -10.30
C SER A 87 13.65 -28.13 -9.11
N TYR A 88 14.56 -28.91 -8.53
CA TYR A 88 14.21 -29.93 -7.52
C TYR A 88 15.03 -29.78 -6.24
N PHE A 89 14.42 -30.19 -5.13
CA PHE A 89 15.06 -30.26 -3.80
C PHE A 89 15.03 -31.72 -3.35
N PHE A 90 16.12 -32.20 -2.74
CA PHE A 90 16.28 -33.62 -2.43
C PHE A 90 16.70 -33.91 -1.00
N ILE A 91 16.08 -34.95 -0.44
CA ILE A 91 16.44 -35.54 0.84
C ILE A 91 16.77 -37.00 0.55
N ILE A 92 17.97 -37.43 0.92
CA ILE A 92 18.47 -38.79 0.60
C ILE A 92 17.88 -39.83 1.55
N ASN A 93 17.07 -40.75 1.01
CA ASN A 93 16.41 -41.79 1.79
C ASN A 93 17.31 -43.00 2.07
N SER A 94 18.02 -43.47 1.04
CA SER A 94 18.99 -44.58 1.19
C SER A 94 20.17 -44.45 0.23
N GLY A 95 21.27 -45.13 0.56
CA GLY A 95 22.47 -45.17 -0.28
C GLY A 95 23.39 -44.00 -0.06
N LYS A 96 24.38 -43.89 -0.95
CA LYS A 96 25.37 -42.81 -0.93
C LYS A 96 25.34 -42.07 -2.26
N PHE A 97 25.59 -40.76 -2.21
CA PHE A 97 25.62 -39.89 -3.41
C PHE A 97 26.86 -38.98 -3.34
N ASP A 98 27.62 -38.92 -4.44
CA ASP A 98 28.86 -38.14 -4.52
C ASP A 98 28.66 -36.82 -5.27
N VAL A 99 29.29 -35.75 -4.77
CA VAL A 99 29.17 -34.39 -5.32
C VAL A 99 30.41 -34.01 -6.14
N TYR A 100 30.23 -33.78 -7.44
CA TYR A 100 31.30 -33.41 -8.36
C TYR A 100 31.22 -31.92 -8.73
N VAL A 101 32.19 -31.13 -8.25
CA VAL A 101 32.35 -29.72 -8.64
C VAL A 101 33.54 -29.61 -9.59
N ASN A 102 33.29 -29.13 -10.81
CA ASN A 102 34.30 -29.08 -11.91
C ASN A 102 34.89 -30.46 -12.26
N ASP A 103 34.01 -31.47 -12.31
CA ASP A 103 34.40 -32.86 -12.54
C ASP A 103 35.44 -33.38 -11.53
N LYS A 104 35.24 -33.03 -10.25
CA LYS A 104 36.17 -33.38 -9.17
C LYS A 104 35.43 -33.54 -7.84
N LYS A 105 35.47 -34.75 -7.27
CA LYS A 105 34.66 -35.12 -6.09
C LYS A 105 34.98 -34.27 -4.86
N VAL A 106 33.95 -33.58 -4.34
CA VAL A 106 34.10 -32.73 -3.16
C VAL A 106 33.66 -33.48 -1.91
N LYS A 107 32.39 -33.90 -1.89
CA LYS A 107 31.76 -34.48 -0.70
C LYS A 107 31.08 -35.81 -1.03
N SER A 108 30.58 -36.47 0.02
CA SER A 108 29.80 -37.70 -0.10
C SER A 108 28.70 -37.69 0.97
N MET A 109 27.44 -37.77 0.52
CA MET A 109 26.28 -37.61 1.39
C MET A 109 25.50 -38.93 1.51
N GLY A 110 24.96 -39.19 2.70
CA GLY A 110 24.19 -40.40 3.00
C GLY A 110 22.78 -40.09 3.48
N LYS A 111 22.19 -41.05 4.20
CA LYS A 111 20.82 -40.93 4.69
C LYS A 111 20.68 -39.82 5.74
N GLY A 112 19.75 -38.88 5.49
CA GLY A 112 19.54 -37.72 6.35
C GLY A 112 19.93 -36.39 5.72
N SER A 113 20.96 -36.41 4.88
CA SER A 113 21.48 -35.20 4.22
C SER A 113 20.53 -34.68 3.11
N SER A 114 20.70 -33.42 2.73
CA SER A 114 19.89 -32.78 1.69
C SER A 114 20.70 -31.98 0.68
N PHE A 115 20.13 -31.78 -0.50
CA PHE A 115 20.73 -30.92 -1.53
C PHE A 115 19.70 -30.37 -2.49
N GLY A 116 20.12 -29.39 -3.30
CA GLY A 116 19.22 -28.68 -4.21
C GLY A 116 18.33 -27.69 -3.47
N GLU A 117 18.90 -27.01 -2.49
CA GLU A 117 18.17 -26.11 -1.61
C GLU A 117 17.64 -24.88 -2.37
N ALA A 118 18.51 -24.28 -3.19
CA ALA A 118 18.18 -23.05 -3.93
C ALA A 118 17.02 -23.19 -4.91
N ALA A 119 16.77 -24.40 -5.39
CA ALA A 119 15.66 -24.65 -6.33
C ALA A 119 14.29 -24.27 -5.75
N LEU A 120 14.12 -24.46 -4.44
CA LEU A 120 12.87 -24.10 -3.75
C LEU A 120 12.56 -22.61 -3.70
N ILE A 121 13.55 -21.76 -3.95
CA ILE A 121 13.35 -20.31 -3.99
C ILE A 121 13.18 -19.86 -5.43
N HIS A 122 14.20 -20.13 -6.26
CA HIS A 122 14.23 -19.65 -7.65
C HIS A 122 14.89 -20.64 -8.63
N ASN A 123 14.56 -20.49 -9.91
CA ASN A 123 15.26 -21.13 -11.02
C ASN A 123 16.70 -20.64 -11.12
N THR A 124 17.64 -21.49 -10.68
CA THR A 124 19.06 -21.16 -10.62
C THR A 124 19.89 -22.24 -11.31
N GLN A 125 21.03 -21.84 -11.87
CA GLN A 125 21.98 -22.77 -12.49
C GLN A 125 22.68 -23.57 -11.41
N ARG A 126 22.81 -24.88 -11.60
CA ARG A 126 23.39 -25.78 -10.60
C ARG A 126 24.90 -25.59 -10.50
N SER A 127 25.42 -25.60 -9.27
CA SER A 127 26.86 -25.43 -9.02
C SER A 127 27.63 -26.74 -9.29
N ALA A 128 27.21 -27.82 -8.61
CA ALA A 128 27.88 -29.12 -8.70
C ALA A 128 26.99 -30.19 -9.32
N THR A 129 27.63 -31.27 -9.78
CA THR A 129 26.94 -32.43 -10.35
C THR A 129 26.87 -33.52 -9.29
N ILE A 130 25.66 -33.90 -8.90
CA ILE A 130 25.44 -34.97 -7.92
C ILE A 130 25.27 -36.29 -8.69
N MET A 131 26.00 -37.32 -8.27
CA MET A 131 25.93 -38.66 -8.88
C MET A 131 25.71 -39.71 -7.80
N ALA A 132 24.94 -40.75 -8.14
CA ALA A 132 24.64 -41.85 -7.23
C ALA A 132 25.78 -42.88 -7.23
N GLU A 133 26.42 -43.04 -6.09
CA GLU A 133 27.51 -44.01 -5.92
C GLU A 133 26.93 -45.42 -5.86
N THR A 134 26.18 -45.71 -4.80
CA THR A 134 25.51 -47.00 -4.63
C THR A 134 24.09 -46.93 -5.18
N ASP A 135 23.38 -48.06 -5.13
CA ASP A 135 21.93 -48.09 -5.36
C ASP A 135 21.28 -47.36 -4.18
N GLY A 136 20.42 -46.39 -4.50
CA GLY A 136 19.82 -45.52 -3.49
C GLY A 136 18.61 -44.74 -3.97
N THR A 137 17.90 -44.13 -3.03
CA THR A 137 16.63 -43.46 -3.31
C THR A 137 16.57 -42.05 -2.71
N LEU A 138 15.83 -41.17 -3.38
CA LEU A 138 15.64 -39.78 -2.95
C LEU A 138 14.17 -39.47 -2.73
N TRP A 139 13.88 -38.76 -1.65
CA TRP A 139 12.62 -38.03 -1.52
C TRP A 139 12.85 -36.65 -2.12
N GLY A 140 11.95 -36.23 -3.01
CA GLY A 140 12.13 -34.97 -3.73
C GLY A 140 10.85 -34.21 -4.03
N VAL A 141 10.99 -32.90 -4.19
CA VAL A 141 9.87 -32.03 -4.53
C VAL A 141 10.36 -30.96 -5.50
N GLN A 142 9.45 -30.53 -6.37
CA GLN A 142 9.73 -29.56 -7.40
C GLN A 142 9.31 -28.13 -6.95
N ARG A 143 10.00 -27.10 -7.42
CA ARG A 143 9.70 -25.70 -7.05
C ARG A 143 8.22 -25.37 -7.22
N SER A 144 7.71 -25.55 -8.42
CA SER A 144 6.33 -25.22 -8.76
C SER A 144 5.36 -25.78 -7.72
N THR A 145 5.51 -27.07 -7.42
CA THR A 145 4.69 -27.75 -6.42
C THR A 145 4.92 -27.21 -5.00
N PHE A 146 6.19 -26.98 -4.67
CA PHE A 146 6.56 -26.43 -3.37
C PHE A 146 6.01 -25.01 -3.12
N ARG A 147 6.13 -24.11 -4.10
CA ARG A 147 5.64 -22.72 -3.97
C ARG A 147 4.10 -22.69 -3.95
N ALA A 148 3.48 -23.46 -4.84
CA ALA A 148 2.03 -23.57 -4.94
C ALA A 148 1.41 -24.15 -3.65
N THR A 149 2.11 -25.10 -3.05
CA THR A 149 1.67 -25.66 -1.77
C THR A 149 1.80 -24.63 -0.64
N LEU A 150 2.91 -23.89 -0.63
CA LEU A 150 3.10 -22.79 0.34
C LEU A 150 2.07 -21.69 0.15
N LYS A 151 1.78 -21.37 -1.11
CA LYS A 151 0.74 -20.40 -1.42
C LYS A 151 -0.57 -20.85 -0.78
N GLN A 152 -1.05 -22.03 -1.16
CA GLN A 152 -2.36 -22.49 -0.72
C GLN A 152 -2.50 -22.65 0.79
N LEU A 153 -1.45 -23.10 1.45
CA LEU A 153 -1.47 -23.22 2.92
C LEU A 153 -1.72 -21.86 3.58
N SER A 154 -0.90 -20.87 3.26
CA SER A 154 -1.04 -19.54 3.85
C SER A 154 -2.30 -18.81 3.39
N ASN A 155 -2.71 -19.03 2.14
CA ASN A 155 -3.83 -18.32 1.53
C ASN A 155 -5.18 -18.82 2.03
N ARG A 156 -5.34 -20.13 2.18
CA ARG A 156 -6.54 -20.70 2.80
C ARG A 156 -6.60 -20.38 4.28
N ASN A 157 -5.45 -20.33 4.95
CA ASN A 157 -5.38 -19.89 6.35
C ASN A 157 -5.92 -18.47 6.51
N PHE A 158 -5.49 -17.58 5.61
CA PHE A 158 -5.91 -16.18 5.64
C PHE A 158 -7.41 -16.02 5.38
N ASN A 159 -7.91 -16.71 4.35
CA ASN A 159 -9.32 -16.65 3.98
C ASN A 159 -10.21 -17.31 5.02
N GLU A 160 -9.75 -18.43 5.57
CA GLU A 160 -10.44 -19.07 6.70
C GLU A 160 -10.54 -18.11 7.88
N ASN A 161 -9.41 -17.53 8.28
CA ASN A 161 -9.38 -16.59 9.41
C ASN A 161 -10.20 -15.31 9.23
N ARG A 162 -10.26 -14.80 8.01
CA ARG A 162 -11.03 -13.61 7.69
C ARG A 162 -12.54 -13.85 7.81
N SER A 163 -13.01 -15.04 7.45
CA SER A 163 -14.42 -15.43 7.66
C SER A 163 -14.80 -15.45 9.14
N PHE A 164 -13.88 -15.97 9.96
CA PHE A 164 -14.07 -16.02 11.40
C PHE A 164 -13.98 -14.63 12.04
N ILE A 165 -13.19 -13.73 11.44
CA ILE A 165 -13.22 -12.31 11.82
C ILE A 165 -14.60 -11.73 11.46
N ASP A 166 -15.07 -12.00 10.25
CA ASP A 166 -16.41 -11.54 9.80
C ASP A 166 -17.57 -12.10 10.63
N SER A 167 -17.42 -13.28 11.23
CA SER A 167 -18.44 -13.88 12.07
C SER A 167 -18.44 -13.35 13.51
N VAL A 168 -17.34 -12.75 13.95
CA VAL A 168 -17.28 -12.15 15.28
C VAL A 168 -17.91 -10.75 15.22
N SER A 169 -18.92 -10.52 16.07
CA SER A 169 -19.71 -9.28 16.02
C SER A 169 -18.92 -8.02 16.41
N VAL A 170 -17.98 -8.13 17.33
CA VAL A 170 -17.21 -6.96 17.80
C VAL A 170 -16.38 -6.27 16.70
N PHE A 171 -16.04 -7.01 15.64
CA PHE A 171 -15.35 -6.45 14.46
C PHE A 171 -16.29 -5.92 13.36
N ASP A 172 -17.60 -5.98 13.56
CA ASP A 172 -18.58 -5.56 12.51
C ASP A 172 -18.36 -4.15 11.97
N MET A 173 -17.96 -3.21 12.83
CA MET A 173 -17.74 -1.82 12.40
C MET A 173 -16.30 -1.48 12.01
N LEU A 174 -15.48 -2.50 11.74
CA LEU A 174 -14.17 -2.28 11.14
C LEU A 174 -14.34 -2.21 9.62
N THR A 175 -13.48 -1.43 8.97
CA THR A 175 -13.48 -1.30 7.52
C THR A 175 -12.84 -2.54 6.89
N GLU A 176 -12.99 -2.66 5.57
CA GLU A 176 -12.32 -3.73 4.81
C GLU A 176 -10.81 -3.81 5.11
N ALA A 177 -10.13 -2.67 5.04
CA ALA A 177 -8.69 -2.60 5.28
C ALA A 177 -8.30 -2.93 6.71
N GLN A 178 -9.14 -2.55 7.66
CA GLN A 178 -8.90 -2.87 9.09
C GLN A 178 -9.07 -4.37 9.39
N LYS A 179 -10.08 -4.99 8.77
CA LYS A 179 -10.33 -6.41 8.95
C LYS A 179 -9.21 -7.28 8.35
N ASN A 180 -8.75 -6.91 7.17
CA ASN A 180 -7.61 -7.58 6.55
C ASN A 180 -6.34 -7.45 7.38
N MET A 181 -6.16 -6.32 8.07
CA MET A 181 -4.94 -6.11 8.84
C MET A 181 -4.89 -6.93 10.12
N ILE A 182 -6.03 -7.08 10.80
CA ILE A 182 -6.11 -7.96 11.98
C ILE A 182 -6.19 -9.45 11.65
N THR A 183 -6.53 -9.78 10.41
CA THR A 183 -6.48 -11.19 9.95
C THR A 183 -5.05 -11.73 9.99
N ASN A 184 -4.09 -10.88 9.63
CA ASN A 184 -2.66 -11.21 9.75
C ASN A 184 -2.14 -11.36 11.17
N ALA A 185 -2.83 -10.77 12.14
CA ALA A 185 -2.52 -10.94 13.55
C ALA A 185 -3.06 -12.24 14.16
N CYS A 186 -3.86 -13.00 13.41
CA CYS A 186 -4.33 -14.30 13.90
C CYS A 186 -3.17 -15.28 14.03
N VAL A 187 -3.23 -16.05 15.12
CA VAL A 187 -2.24 -17.08 15.44
C VAL A 187 -3.04 -18.35 15.64
N ILE A 188 -2.64 -19.44 14.96
CA ILE A 188 -3.30 -20.73 15.12
C ILE A 188 -2.69 -21.44 16.31
N GLN A 189 -3.56 -21.91 17.21
CA GLN A 189 -3.16 -22.54 18.45
C GLN A 189 -3.88 -23.87 18.58
N MET A 190 -3.10 -24.94 18.71
CA MET A 190 -3.63 -26.31 18.72
C MET A 190 -3.84 -26.81 20.14
N PHE A 191 -4.94 -27.52 20.34
CA PHE A 191 -5.27 -28.11 21.63
C PHE A 191 -5.65 -29.58 21.44
N LYS A 192 -4.97 -30.47 22.15
CA LYS A 192 -5.35 -31.88 22.22
C LYS A 192 -6.43 -32.05 23.28
N PRO A 193 -7.14 -33.21 23.29
CA PRO A 193 -8.16 -33.45 24.32
C PRO A 193 -7.62 -33.41 25.75
N GLY A 194 -8.37 -32.78 26.66
CA GLY A 194 -7.92 -32.57 28.04
C GLY A 194 -7.41 -31.16 28.31
N GLU A 195 -6.76 -30.54 27.31
CA GLU A 195 -6.19 -29.19 27.44
C GLU A 195 -7.24 -28.11 27.71
N THR A 196 -6.99 -27.29 28.71
CA THR A 196 -7.81 -26.12 29.01
C THR A 196 -7.39 -24.98 28.07
N ILE A 197 -8.35 -24.48 27.30
CA ILE A 197 -8.11 -23.34 26.42
C ILE A 197 -8.07 -22.05 27.24
N VAL A 198 -9.10 -21.83 28.06
CA VAL A 198 -9.16 -20.72 29.02
C VAL A 198 -9.74 -21.21 30.34
N LYS A 199 -9.27 -20.66 31.46
CA LYS A 199 -9.76 -21.04 32.79
C LYS A 199 -10.56 -19.89 33.40
N GLN A 200 -11.69 -20.25 34.02
CA GLN A 200 -12.56 -19.28 34.70
C GLN A 200 -11.75 -18.48 35.72
N GLY A 201 -11.90 -17.15 35.70
CA GLY A 201 -11.23 -16.26 36.66
C GLY A 201 -9.99 -15.55 36.18
N ASP A 202 -9.29 -16.09 35.18
CA ASP A 202 -8.07 -15.46 34.66
C ASP A 202 -8.39 -14.21 33.85
N TYR A 203 -7.60 -13.15 34.05
CA TYR A 203 -7.70 -11.94 33.24
C TYR A 203 -6.98 -12.14 31.90
N GLY A 204 -7.64 -12.86 30.99
CA GLY A 204 -7.12 -13.13 29.65
C GLY A 204 -7.43 -11.99 28.69
N ASP A 205 -6.56 -11.83 27.69
CA ASP A 205 -6.71 -10.78 26.67
C ASP A 205 -6.71 -11.36 25.25
N VAL A 206 -7.30 -12.54 25.08
CA VAL A 206 -7.26 -13.28 23.82
C VAL A 206 -8.65 -13.76 23.40
N LEU A 207 -9.08 -13.39 22.20
CA LEU A 207 -10.26 -13.97 21.54
C LEU A 207 -9.83 -15.30 20.90
N PHE A 208 -10.66 -16.34 21.03
CA PHE A 208 -10.42 -17.66 20.43
C PHE A 208 -11.59 -18.00 19.52
N ILE A 209 -11.31 -18.62 18.38
CA ILE A 209 -12.34 -19.04 17.41
C ILE A 209 -12.09 -20.50 17.00
N LEU A 210 -13.07 -21.37 17.19
CA LEU A 210 -12.95 -22.78 16.79
C LEU A 210 -13.10 -22.95 15.28
N LYS A 211 -12.03 -23.43 14.63
CA LYS A 211 -12.01 -23.73 13.19
C LYS A 211 -12.45 -25.17 12.94
N GLU A 212 -11.81 -26.11 13.63
CA GLU A 212 -12.16 -27.53 13.58
C GLU A 212 -12.21 -28.11 15.00
N GLY A 213 -13.21 -28.96 15.26
CA GLY A 213 -13.34 -29.69 16.54
C GLY A 213 -14.46 -29.21 17.45
N LYS A 214 -14.46 -29.72 18.68
CA LYS A 214 -15.48 -29.42 19.69
C LYS A 214 -14.86 -29.30 21.09
N ALA A 215 -15.42 -28.39 21.91
CA ALA A 215 -14.93 -28.10 23.27
C ALA A 215 -16.08 -27.96 24.26
N THR A 216 -15.81 -28.28 25.54
CA THR A 216 -16.81 -28.26 26.61
C THR A 216 -16.63 -27.04 27.52
N VAL A 217 -17.75 -26.40 27.88
CA VAL A 217 -17.76 -25.18 28.70
C VAL A 217 -18.18 -25.53 30.13
N PHE A 218 -17.40 -25.06 31.11
CA PHE A 218 -17.66 -25.28 32.54
C PHE A 218 -17.77 -23.95 33.30
N ILE A 219 -18.85 -23.77 34.04
CA ILE A 219 -18.98 -22.65 34.99
C ILE A 219 -19.11 -23.26 36.38
N ASN A 220 -18.20 -22.91 37.29
CA ASN A 220 -18.13 -23.47 38.66
C ASN A 220 -17.97 -25.00 38.65
N ASP A 221 -17.14 -25.51 37.74
CA ASP A 221 -16.90 -26.96 37.55
C ASP A 221 -18.12 -27.80 37.06
N LYS A 222 -19.15 -27.13 36.53
CA LYS A 222 -20.38 -27.79 36.06
C LYS A 222 -20.56 -27.54 34.55
N GLU A 223 -20.86 -28.59 33.79
CA GLU A 223 -20.98 -28.48 32.32
C GLU A 223 -22.19 -27.62 31.91
N ILE A 224 -21.91 -26.43 31.35
CA ILE A 224 -22.95 -25.51 30.89
C ILE A 224 -23.40 -25.80 29.44
N ARG A 225 -22.43 -26.08 28.55
CA ARG A 225 -22.72 -26.41 27.14
C ARG A 225 -21.51 -27.04 26.43
N VAL A 226 -21.67 -27.35 25.14
CA VAL A 226 -20.59 -27.82 24.27
C VAL A 226 -20.53 -26.93 23.01
N LEU A 227 -19.32 -26.57 22.58
CA LEU A 227 -19.09 -25.61 21.48
C LEU A 227 -18.58 -26.30 20.21
N ASN A 228 -19.10 -25.89 19.06
CA ASN A 228 -18.78 -26.49 17.75
C ASN A 228 -17.96 -25.57 16.85
N LYS A 229 -17.44 -26.14 15.76
CA LYS A 229 -16.61 -25.41 14.78
C LYS A 229 -17.32 -24.17 14.23
N GLY A 230 -16.89 -22.99 14.67
CA GLY A 230 -17.57 -21.73 14.37
C GLY A 230 -17.73 -20.90 15.62
N SER A 231 -18.00 -21.57 16.75
CA SER A 231 -18.10 -20.91 18.07
C SER A 231 -16.84 -20.14 18.44
N TYR A 232 -17.02 -19.04 19.15
CA TYR A 232 -15.91 -18.20 19.58
C TYR A 232 -16.16 -17.58 20.95
N PHE A 233 -15.10 -17.08 21.57
CA PHE A 233 -15.19 -16.49 22.90
C PHE A 233 -13.97 -15.63 23.24
N GLY A 234 -14.23 -14.49 23.88
CA GLY A 234 -13.21 -13.52 24.27
C GLY A 234 -13.26 -12.17 23.58
N GLU A 235 -14.40 -11.79 23.02
CA GLU A 235 -14.60 -10.45 22.45
C GLU A 235 -14.32 -9.34 23.46
N ARG A 236 -14.91 -9.49 24.65
CA ARG A 236 -14.77 -8.50 25.72
C ARG A 236 -13.32 -8.40 26.25
N ALA A 237 -12.58 -9.50 26.15
CA ALA A 237 -11.15 -9.52 26.49
C ALA A 237 -10.26 -8.64 25.58
N LEU A 238 -10.73 -8.32 24.38
CA LEU A 238 -10.02 -7.39 23.47
C LEU A 238 -10.32 -5.92 23.75
N LEU A 239 -11.38 -5.65 24.51
CA LEU A 239 -11.79 -4.29 24.85
C LEU A 239 -11.46 -3.92 26.31
N TYR A 240 -11.64 -4.88 27.23
CA TYR A 240 -11.62 -4.62 28.68
C TYR A 240 -10.81 -5.67 29.46
N ASP A 241 -10.33 -5.27 30.64
CA ASP A 241 -9.71 -6.19 31.59
C ASP A 241 -10.80 -6.85 32.44
N GLU A 242 -11.27 -8.01 32.01
CA GLU A 242 -12.35 -8.72 32.72
C GLU A 242 -12.03 -10.21 32.82
N PRO A 243 -12.39 -10.85 33.95
CA PRO A 243 -12.07 -12.26 34.12
C PRO A 243 -12.94 -13.18 33.24
N ARG A 244 -12.40 -14.35 32.90
CA ARG A 244 -13.13 -15.31 32.07
C ARG A 244 -14.34 -15.81 32.84
N SER A 245 -15.50 -15.76 32.20
CA SER A 245 -16.74 -16.24 32.82
C SER A 245 -16.80 -17.76 32.95
N ALA A 246 -16.02 -18.48 32.12
CA ALA A 246 -16.06 -19.95 32.09
C ALA A 246 -14.67 -20.60 31.88
N THR A 247 -14.63 -21.90 32.12
CA THR A 247 -13.45 -22.72 31.85
C THR A 247 -13.74 -23.57 30.60
N ILE A 248 -13.14 -23.21 29.48
CA ILE A 248 -13.36 -23.90 28.20
C ILE A 248 -12.29 -24.98 28.05
N ILE A 249 -12.70 -26.24 27.96
CA ILE A 249 -11.78 -27.39 27.82
C ILE A 249 -12.06 -28.15 26.51
N ALA A 250 -11.00 -28.53 25.80
CA ALA A 250 -11.12 -29.25 24.52
C ALA A 250 -11.52 -30.71 24.72
N LYS A 251 -12.58 -31.13 24.02
CA LYS A 251 -13.16 -32.46 24.18
C LYS A 251 -12.60 -33.46 23.15
N GLU A 252 -12.43 -33.02 21.91
CA GLU A 252 -11.70 -33.77 20.88
C GLU A 252 -10.55 -32.89 20.37
N PRO A 253 -9.65 -33.41 19.50
CA PRO A 253 -8.56 -32.57 19.01
C PRO A 253 -9.08 -31.36 18.22
N THR A 254 -8.68 -30.16 18.65
CA THR A 254 -9.24 -28.91 18.14
C THR A 254 -8.16 -27.91 17.71
N ALA A 255 -8.54 -27.07 16.74
CA ALA A 255 -7.67 -26.01 16.21
C ALA A 255 -8.39 -24.68 16.33
N CYS A 256 -7.74 -23.70 16.97
CA CYS A 256 -8.32 -22.37 17.21
C CYS A 256 -7.48 -21.26 16.56
N ALA A 257 -8.15 -20.37 15.83
CA ALA A 257 -7.59 -19.06 15.45
C ALA A 257 -7.75 -18.11 16.64
N SER A 258 -6.78 -17.22 16.84
CA SER A 258 -6.78 -16.34 18.02
C SER A 258 -6.17 -14.97 17.78
N ILE A 259 -6.82 -13.93 18.30
CA ILE A 259 -6.25 -12.58 18.30
C ILE A 259 -5.97 -12.18 19.74
N CYS A 260 -4.76 -11.68 19.98
CA CYS A 260 -4.36 -11.13 21.26
C CYS A 260 -4.55 -9.62 21.20
N ARG A 261 -4.91 -9.03 22.34
CA ARG A 261 -5.10 -7.59 22.44
C ARG A 261 -3.78 -6.85 22.28
N LYS A 262 -2.70 -7.44 22.77
CA LYS A 262 -1.34 -6.86 22.66
C LYS A 262 -0.91 -6.64 21.21
N LEU A 263 -1.13 -7.63 20.36
CA LEU A 263 -0.83 -7.53 18.94
C LEU A 263 -1.84 -6.63 18.21
N LEU A 264 -3.10 -6.73 18.61
CA LEU A 264 -4.14 -5.84 18.09
C LEU A 264 -3.78 -4.37 18.33
N ASN A 265 -3.30 -4.06 19.54
CA ASN A 265 -2.88 -2.69 19.87
C ASN A 265 -1.70 -2.18 19.04
N ILE A 266 -0.79 -3.09 18.70
CA ILE A 266 0.32 -2.78 17.80
C ILE A 266 -0.19 -2.57 16.37
N VAL A 267 -1.05 -3.48 15.91
CA VAL A 267 -1.53 -3.45 14.52
C VAL A 267 -2.58 -2.35 14.26
N LEU A 268 -3.56 -2.27 15.15
CA LEU A 268 -4.75 -1.47 14.95
C LEU A 268 -4.82 -0.21 15.83
N GLY A 269 -4.25 -0.27 17.03
CA GLY A 269 -4.40 0.76 18.06
C GLY A 269 -5.45 0.29 19.05
N ASN A 270 -6.00 1.22 19.83
CA ASN A 270 -7.11 0.91 20.72
C ASN A 270 -8.34 0.53 19.89
N LEU A 271 -8.97 -0.60 20.20
CA LEU A 271 -10.07 -1.12 19.39
C LEU A 271 -11.35 -0.27 19.52
N GLN A 272 -11.70 0.12 20.75
CA GLN A 272 -12.81 1.08 20.99
C GLN A 272 -12.64 2.41 20.25
N VAL A 273 -11.43 2.97 20.30
CA VAL A 273 -11.15 4.23 19.64
C VAL A 273 -11.30 4.10 18.13
N VAL A 274 -10.81 3.01 17.55
CA VAL A 274 -10.90 2.75 16.12
C VAL A 274 -12.36 2.49 15.70
N LEU A 275 -13.07 1.65 16.45
CA LEU A 275 -14.47 1.35 16.16
C LEU A 275 -15.33 2.61 16.16
N PHE A 276 -15.21 3.40 17.23
CA PHE A 276 -15.98 4.63 17.41
C PHE A 276 -15.71 5.64 16.28
N ARG A 277 -14.44 5.84 15.95
CA ARG A 277 -14.05 6.69 14.82
C ARG A 277 -14.77 6.35 13.53
N ASN A 278 -15.02 5.06 13.28
CA ASN A 278 -15.76 4.62 12.10
C ASN A 278 -17.25 4.93 12.19
N ILE A 279 -17.84 4.59 13.34
CA ILE A 279 -19.24 4.91 13.64
C ILE A 279 -19.49 6.41 13.47
N MET A 280 -18.62 7.21 14.07
CA MET A 280 -18.74 8.66 14.03
C MET A 280 -18.45 9.22 12.65
N THR A 281 -17.42 8.70 11.97
CA THR A 281 -17.08 9.17 10.61
C THR A 281 -18.25 8.92 9.65
N GLU A 282 -18.88 7.75 9.76
CA GLU A 282 -20.01 7.40 8.90
C GLU A 282 -21.22 8.31 9.17
N ALA A 283 -21.45 8.61 10.45
CA ALA A 283 -22.56 9.47 10.85
C ALA A 283 -22.30 10.91 10.39
N LEU A 284 -21.08 11.41 10.60
CA LEU A 284 -20.73 12.78 10.18
C LEU A 284 -20.76 12.99 8.66
N GLN A 285 -20.37 11.98 7.89
CA GLN A 285 -20.39 12.07 6.43
C GLN A 285 -21.78 12.14 5.78
N GLN A 286 -22.85 11.84 6.53
CA GLN A 286 -24.21 12.08 6.04
C GLN A 286 -24.54 13.58 5.90
N SER A 287 -23.84 14.42 6.63
CA SER A 287 -23.92 15.87 6.49
C SER A 287 -22.97 16.34 5.39
N GLU A 288 -23.44 17.24 4.52
CA GLU A 288 -22.60 17.80 3.45
C GLU A 288 -21.47 18.68 4.00
N ILE A 289 -21.63 19.21 5.20
CA ILE A 289 -20.58 19.99 5.87
C ILE A 289 -19.38 19.09 6.21
N PHE A 290 -19.61 18.11 7.08
CA PHE A 290 -18.52 17.25 7.57
C PHE A 290 -17.99 16.32 6.49
N ARG A 291 -18.70 16.15 5.39
CA ARG A 291 -18.22 15.38 4.24
C ARG A 291 -16.91 15.93 3.68
N GLN A 292 -16.68 17.23 3.82
CA GLN A 292 -15.45 17.87 3.34
C GLN A 292 -14.33 18.01 4.39
N PHE A 293 -14.59 17.54 5.61
CA PHE A 293 -13.55 17.42 6.62
C PHE A 293 -12.59 16.28 6.25
N SER A 294 -11.36 16.37 6.74
CA SER A 294 -10.35 15.34 6.51
C SER A 294 -10.62 14.17 7.46
N ALA A 295 -10.13 13.00 7.08
CA ALA A 295 -10.23 11.82 7.93
C ALA A 295 -9.73 12.08 9.36
N GLU A 296 -8.66 12.88 9.49
CA GLU A 296 -8.11 13.24 10.81
C GLU A 296 -9.05 14.15 11.60
N GLN A 297 -9.61 15.15 10.91
CA GLN A 297 -10.56 16.06 11.53
C GLN A 297 -11.79 15.34 12.09
N LEU A 298 -12.31 14.36 11.32
CA LEU A 298 -13.44 13.55 11.77
C LEU A 298 -13.05 12.62 12.91
N ASN A 299 -11.84 12.07 12.85
CA ASN A 299 -11.32 11.22 13.92
C ASN A 299 -11.17 11.97 15.23
N ASP A 300 -10.74 13.24 15.15
CA ASP A 300 -10.61 14.10 16.33
C ASP A 300 -11.98 14.43 16.95
N LEU A 301 -12.97 14.71 16.09
CA LEU A 301 -14.34 14.90 16.55
C LEU A 301 -14.84 13.64 17.31
N ALA A 302 -14.52 12.47 16.76
CA ALA A 302 -14.88 11.20 17.40
C ALA A 302 -14.17 11.01 18.73
N ASP A 303 -12.88 11.29 18.80
CA ASP A 303 -12.08 11.12 20.03
C ASP A 303 -12.52 12.08 21.15
N THR A 304 -13.02 13.27 20.81
CA THR A 304 -13.36 14.31 21.79
C THR A 304 -14.88 14.54 22.03
N ALA A 305 -15.72 13.84 21.27
CA ALA A 305 -17.17 13.92 21.41
C ALA A 305 -17.62 13.49 22.80
N ILE A 306 -18.53 14.26 23.38
CA ILE A 306 -19.21 13.92 24.61
C ILE A 306 -20.25 12.83 24.30
N VAL A 307 -20.17 11.71 25.00
CA VAL A 307 -21.12 10.60 24.84
C VAL A 307 -21.91 10.49 26.13
N ARG A 308 -23.23 10.32 25.99
N ARG A 308 -23.22 10.28 26.00
CA ARG A 308 -24.15 10.37 27.13
CA ARG A 308 -24.11 10.33 27.16
C ARG A 308 -25.33 9.43 26.91
C ARG A 308 -25.38 9.52 26.95
N ASP A 309 -25.72 8.71 27.96
CA ASP A 309 -26.91 7.88 27.93
C ASP A 309 -28.07 8.63 28.57
N TYR A 310 -29.23 8.60 27.91
CA TYR A 310 -30.44 9.30 28.39
C TYR A 310 -31.58 8.32 28.58
N PRO A 311 -32.42 8.53 29.61
CA PRO A 311 -33.69 7.80 29.70
C PRO A 311 -34.72 8.29 28.70
N ALA A 312 -35.83 7.58 28.58
CA ALA A 312 -36.94 8.02 27.72
C ALA A 312 -37.55 9.32 28.22
N ASN A 313 -38.10 10.09 27.27
CA ASN A 313 -38.82 11.36 27.53
C ASN A 313 -37.98 12.41 28.25
N TYR A 314 -36.74 12.55 27.83
CA TYR A 314 -35.82 13.51 28.41
C TYR A 314 -35.49 14.58 27.39
N HIS A 315 -35.43 15.83 27.83
CA HIS A 315 -35.04 16.94 26.97
C HIS A 315 -33.52 17.03 26.90
N ILE A 316 -32.97 16.35 25.90
CA ILE A 316 -31.53 16.31 25.66
C ILE A 316 -31.00 17.69 25.33
N LEU A 317 -31.72 18.38 24.42
CA LEU A 317 -31.48 19.79 24.09
C LEU A 317 -32.81 20.51 24.14
N HIS A 318 -32.80 21.74 24.69
CA HIS A 318 -33.99 22.60 24.75
C HIS A 318 -33.59 24.08 24.78
N LYS A 319 -34.02 24.82 23.75
CA LYS A 319 -33.60 26.22 23.49
C LYS A 319 -33.17 27.04 24.70
N LYS A 321 -31.41 26.38 27.77
CA LYS A 321 -30.71 25.51 28.71
C LYS A 321 -29.63 24.66 28.03
N VAL A 322 -29.16 25.09 26.85
CA VAL A 322 -28.26 24.30 26.00
C VAL A 322 -26.81 24.50 26.43
N LYS A 323 -26.02 23.41 26.44
CA LYS A 323 -24.62 23.43 26.86
C LYS A 323 -23.64 23.63 25.69
N SER A 324 -23.95 24.59 24.81
CA SER A 324 -23.12 24.91 23.62
C SER A 324 -23.00 23.80 22.56
N VAL A 325 -24.00 22.93 22.49
CA VAL A 325 -24.01 21.83 21.51
C VAL A 325 -24.32 22.40 20.12
N LYS A 326 -23.54 21.96 19.12
CA LYS A 326 -23.77 22.32 17.72
C LYS A 326 -24.24 21.15 16.85
N TYR A 327 -23.88 19.93 17.22
CA TYR A 327 -24.25 18.75 16.44
C TYR A 327 -24.55 17.58 17.37
N LEU A 328 -25.52 16.77 16.97
CA LEU A 328 -26.01 15.67 17.79
C LEU A 328 -26.10 14.44 16.93
N ILE A 329 -25.60 13.30 17.44
CA ILE A 329 -25.63 12.01 16.72
C ILE A 329 -26.23 10.94 17.61
N VAL A 330 -27.16 10.16 17.05
CA VAL A 330 -27.78 9.06 17.78
C VAL A 330 -27.00 7.77 17.54
N LEU A 331 -26.45 7.23 18.63
CA LEU A 331 -25.71 5.98 18.61
C LEU A 331 -26.63 4.78 18.89
N GLU A 332 -27.52 4.94 19.88
CA GLU A 332 -28.52 3.91 20.22
C GLU A 332 -29.85 4.61 20.51
N GLY A 333 -30.96 3.99 20.10
CA GLY A 333 -32.30 4.48 20.44
C GLY A 333 -32.88 5.46 19.43
N LYS A 334 -33.79 6.30 19.92
CA LYS A 334 -34.51 7.27 19.09
C LYS A 334 -34.79 8.56 19.85
N VAL A 335 -34.70 9.67 19.13
CA VAL A 335 -35.05 10.99 19.64
C VAL A 335 -35.98 11.64 18.62
N GLU A 336 -36.83 12.53 19.12
CA GLU A 336 -37.73 13.29 18.28
C GLU A 336 -37.26 14.72 18.31
N LEU A 337 -37.29 15.35 17.14
CA LEU A 337 -36.88 16.74 16.98
C LEU A 337 -38.13 17.64 16.96
N PHE A 338 -38.01 18.80 17.58
CA PHE A 338 -39.09 19.79 17.62
C PHE A 338 -38.56 21.17 17.29
N LEU A 339 -39.32 21.91 16.49
CA LEU A 339 -39.19 23.35 16.41
C LEU A 339 -40.38 23.93 17.18
N ASP A 340 -40.11 24.57 18.31
CA ASP A 340 -41.15 25.02 19.24
C ASP A 340 -42.10 23.84 19.57
N ASP A 341 -43.36 23.87 19.14
CA ASP A 341 -44.30 22.77 19.41
C ASP A 341 -44.50 21.76 18.27
N GLU A 342 -43.84 21.97 17.13
CA GLU A 342 -44.06 21.11 15.98
C GLU A 342 -42.96 20.07 15.86
N SER A 343 -43.34 18.81 15.89
CA SER A 343 -42.44 17.71 15.55
C SER A 343 -41.96 17.88 14.11
N ILE A 344 -40.64 17.85 13.91
CA ILE A 344 -40.06 17.93 12.56
C ILE A 344 -39.38 16.63 12.08
N GLY A 345 -39.42 15.56 12.88
CA GLY A 345 -38.80 14.28 12.50
C GLY A 345 -38.31 13.46 13.69
N ILE A 346 -38.03 12.18 13.42
CA ILE A 346 -37.48 11.26 14.41
C ILE A 346 -36.17 10.73 13.87
N LEU A 347 -35.11 10.86 14.67
CA LEU A 347 -33.79 10.36 14.32
C LEU A 347 -33.57 9.01 15.00
N THR A 348 -33.29 7.99 14.19
CA THR A 348 -32.95 6.66 14.67
C THR A 348 -31.42 6.46 14.68
N ARG A 349 -31.01 5.26 15.08
CA ARG A 349 -29.60 4.82 15.07
C ARG A 349 -28.82 5.34 13.86
N GLY A 350 -27.71 6.03 14.12
CA GLY A 350 -26.84 6.53 13.06
C GLY A 350 -27.20 7.84 12.40
N LYS A 351 -28.42 8.34 12.65
CA LYS A 351 -28.86 9.63 12.13
C LYS A 351 -28.35 10.75 13.03
N SER A 352 -28.46 11.99 12.56
CA SER A 352 -27.87 13.13 13.24
C SER A 352 -28.51 14.45 12.80
N PHE A 353 -28.17 15.50 13.54
CA PHE A 353 -28.84 16.79 13.42
C PHE A 353 -27.90 17.93 13.86
N GLY A 354 -28.04 19.08 13.20
CA GLY A 354 -27.33 20.31 13.58
C GLY A 354 -26.57 21.13 12.54
N ASP A 355 -26.60 20.72 11.27
CA ASP A 355 -25.98 21.46 10.15
C ASP A 355 -26.11 22.98 10.26
N GLN A 356 -27.32 23.42 10.57
CA GLN A 356 -27.64 24.84 10.74
C GLN A 356 -26.78 25.57 11.76
N TYR A 357 -26.49 24.91 12.88
CA TYR A 357 -25.74 25.50 13.99
C TYR A 357 -24.23 25.30 13.87
N VAL A 358 -23.81 24.27 13.15
CA VAL A 358 -22.40 24.09 12.80
C VAL A 358 -21.92 25.22 11.89
N LEU A 359 -22.76 25.62 10.93
CA LEU A 359 -22.46 26.69 9.98
C LEU A 359 -22.52 28.08 10.60
N ASN A 360 -23.43 28.26 11.56
CA ASN A 360 -23.67 29.56 12.20
C ASN A 360 -23.41 29.47 13.69
N GLN A 361 -22.13 29.57 14.05
CA GLN A 361 -21.61 29.48 15.41
C GLN A 361 -22.39 30.30 16.45
N LYS A 362 -22.74 31.53 16.07
CA LYS A 362 -23.36 32.50 16.98
C LYS A 362 -24.91 32.44 17.06
N GLN A 363 -25.54 31.62 16.23
CA GLN A 363 -27.01 31.51 16.21
C GLN A 363 -27.56 30.88 17.50
N LYS A 364 -28.71 31.37 17.96
CA LYS A 364 -29.40 30.80 19.12
C LYS A 364 -30.02 29.46 18.70
N PHE A 365 -29.82 28.43 19.54
CA PHE A 365 -30.40 27.10 19.30
C PHE A 365 -31.93 27.15 19.50
N ARG A 366 -32.65 26.97 18.39
CA ARG A 366 -34.10 27.14 18.34
C ARG A 366 -34.86 25.80 18.48
N HIS A 367 -34.18 24.69 18.23
CA HIS A 367 -34.83 23.38 18.24
C HIS A 367 -34.77 22.70 19.61
N THR A 368 -35.60 21.69 19.75
CA THR A 368 -35.70 20.87 20.96
C THR A 368 -35.52 19.42 20.52
N VAL A 369 -34.80 18.66 21.33
CA VAL A 369 -34.54 17.25 21.04
C VAL A 369 -34.98 16.46 22.26
N LYS A 370 -35.96 15.59 22.08
CA LYS A 370 -36.53 14.81 23.16
C LYS A 370 -36.36 13.31 22.89
N SER A 371 -35.74 12.60 23.83
CA SER A 371 -35.59 11.14 23.72
C SER A 371 -36.94 10.45 23.74
N LEU A 372 -37.16 9.52 22.80
CA LEU A 372 -38.37 8.71 22.73
C LEU A 372 -38.25 7.40 23.55
N ASP A 373 -37.04 6.86 23.63
CA ASP A 373 -36.78 5.72 24.50
C ASP A 373 -35.36 5.84 25.07
N VAL A 374 -34.90 4.85 25.83
CA VAL A 374 -33.54 4.89 26.38
C VAL A 374 -32.57 4.98 25.21
N CYS A 375 -31.61 5.90 25.29
CA CYS A 375 -30.75 6.16 24.14
C CYS A 375 -29.34 6.56 24.51
N LYS A 376 -28.47 6.49 23.50
CA LYS A 376 -27.06 6.88 23.61
C LYS A 376 -26.82 7.91 22.52
N ILE A 377 -26.33 9.08 22.93
CA ILE A 377 -26.18 10.22 22.04
C ILE A 377 -24.74 10.73 22.10
N ALA A 378 -24.22 11.11 20.94
CA ALA A 378 -22.93 11.82 20.86
C ALA A 378 -23.20 13.29 20.54
N LEU A 379 -22.50 14.17 21.23
CA LEU A 379 -22.70 15.61 21.14
C LEU A 379 -21.41 16.32 20.77
N ILE A 380 -21.46 17.15 19.74
CA ILE A 380 -20.32 17.96 19.34
C ILE A 380 -20.58 19.40 19.75
N THR A 381 -19.80 19.87 20.71
CA THR A 381 -19.90 21.23 21.22
C THR A 381 -19.10 22.22 20.37
N GLU A 382 -19.27 23.51 20.69
CA GLU A 382 -18.53 24.61 20.07
C GLU A 382 -17.00 24.50 20.24
N SER A 383 -16.56 24.09 21.44
N SER A 383 -16.55 24.10 21.43
CA SER A 383 -15.14 23.87 21.72
CA SER A 383 -15.14 23.89 21.71
C SER A 383 -14.59 22.65 20.98
C SER A 383 -14.58 22.66 21.00
N CYS A 384 -15.42 21.63 20.86
CA CYS A 384 -15.05 20.40 20.17
C CYS A 384 -14.80 20.64 18.66
N LEU A 385 -15.54 21.58 18.06
CA LEU A 385 -15.28 22.03 16.68
C LEU A 385 -14.05 22.92 16.56
N ALA A 386 -13.90 23.86 17.49
CA ALA A 386 -12.77 24.78 17.50
C ALA A 386 -11.43 24.05 17.69
N ASP A 387 -11.38 23.11 18.62
CA ASP A 387 -10.19 22.27 18.82
C ASP A 387 -9.91 21.39 17.59
N CYS A 388 -10.97 20.91 16.94
CA CYS A 388 -10.83 20.14 15.69
C CYS A 388 -10.24 20.98 14.56
N LEU A 389 -10.79 22.18 14.36
CA LEU A 389 -10.38 23.07 13.27
C LEU A 389 -9.12 23.91 13.57
N GLY A 390 -8.72 23.97 14.85
CA GLY A 390 -7.59 24.77 15.28
C GLY A 390 -7.84 26.27 15.26
N ASP A 391 -9.10 26.67 15.41
CA ASP A 391 -9.48 28.09 15.30
C ASP A 391 -10.86 28.33 15.93
N ASN A 392 -10.98 29.39 16.73
CA ASN A 392 -12.26 29.76 17.36
C ASN A 392 -13.30 30.31 16.39
N ASN A 393 -12.86 30.85 15.25
CA ASN A 393 -13.78 31.25 14.19
C ASN A 393 -14.16 30.05 13.33
N ILE A 394 -15.25 29.40 13.72
CA ILE A 394 -15.72 28.15 13.12
C ILE A 394 -16.26 28.36 11.69
N ASP A 395 -16.98 29.45 11.49
CA ASP A 395 -17.66 29.71 10.22
C ASP A 395 -16.63 30.03 9.15
N ALA A 396 -15.63 30.82 9.53
CA ALA A 396 -14.48 31.13 8.67
C ALA A 396 -13.62 29.90 8.38
N SER A 397 -13.37 29.07 9.39
CA SER A 397 -12.56 27.85 9.24
C SER A 397 -13.22 26.81 8.38
N ILE A 398 -14.54 26.65 8.54
CA ILE A 398 -15.29 25.74 7.69
C ILE A 398 -15.25 26.22 6.24
N ASP A 399 -15.46 27.52 6.03
CA ASP A 399 -15.35 28.14 4.71
C ASP A 399 -13.95 27.95 4.08
N HIS A 400 -12.94 28.36 4.82
CA HIS A 400 -11.54 28.15 4.45
C HIS A 400 -11.27 26.69 4.05
N ASN A 401 -11.77 25.75 4.85
CA ASN A 401 -11.57 24.32 4.61
C ASN A 401 -12.34 23.79 3.40
N ASN A 402 -13.53 24.34 3.17
CA ASN A 402 -14.31 24.00 1.98
C ASN A 402 -13.49 24.29 0.73
N LYS A 403 -12.93 25.50 0.68
CA LYS A 403 -12.05 25.92 -0.42
C LYS A 403 -10.78 25.09 -0.52
N LYS A 404 -10.17 24.78 0.63
CA LYS A 404 -8.97 23.93 0.68
C LYS A 404 -9.22 22.54 0.09
N SER A 405 -10.37 21.95 0.42
CA SER A 405 -10.76 20.63 -0.10
C SER A 405 -10.90 20.63 -1.62
N ILE A 406 -11.33 21.76 -2.17
CA ILE A 406 -11.48 21.88 -3.63
C ILE A 406 -10.12 21.91 -4.28
N ILE A 407 -9.24 22.79 -3.81
CA ILE A 407 -7.94 23.00 -4.45
C ILE A 407 -6.92 21.89 -4.19
N LYS A 408 -7.03 21.21 -3.05
CA LYS A 408 -6.16 20.05 -2.76
C LYS A 408 -6.39 18.86 -3.71
N LYS A 409 -7.54 18.83 -4.39
CA LYS A 409 -7.77 17.84 -5.45
C LYS A 409 -7.08 18.15 -6.79
N MET A 410 -6.53 19.37 -6.94
CA MET A 410 -5.82 19.78 -8.16
C MET A 410 -4.30 19.64 -7.99
N TYR A 411 -3.63 19.14 -9.03
CA TYR A 411 -2.18 19.01 -9.01
C TYR A 411 -1.45 20.32 -8.68
N ILE A 412 -1.89 21.38 -9.35
CA ILE A 412 -1.31 22.73 -9.20
C ILE A 412 -1.18 23.16 -7.74
N PHE A 413 -2.22 22.92 -6.93
CA PHE A 413 -2.24 23.34 -5.53
C PHE A 413 -1.96 22.21 -4.53
N ARG A 414 -2.15 20.96 -4.93
CA ARG A 414 -2.05 19.80 -4.03
C ARG A 414 -0.74 19.72 -3.24
N TYR A 415 0.38 20.06 -3.87
CA TYR A 415 1.70 19.87 -3.26
C TYR A 415 2.36 21.15 -2.74
N LEU A 416 1.61 22.25 -2.69
CA LEU A 416 2.13 23.50 -2.11
C LEU A 416 2.13 23.39 -0.60
N SER A 417 3.08 24.06 0.06
CA SER A 417 3.14 24.08 1.51
C SER A 417 1.83 24.59 2.10
N GLU A 418 1.47 24.12 3.30
CA GLU A 418 0.22 24.51 3.93
C GLU A 418 0.15 26.03 4.10
N GLN A 419 1.26 26.64 4.51
CA GLN A 419 1.36 28.10 4.60
C GLN A 419 1.03 28.80 3.28
N GLN A 420 1.54 28.28 2.16
CA GLN A 420 1.22 28.82 0.82
C GLN A 420 -0.23 28.60 0.42
N CYS A 421 -0.76 27.42 0.72
CA CYS A 421 -2.13 27.06 0.38
C CYS A 421 -3.15 27.93 1.15
N ASN A 422 -2.85 28.20 2.42
CA ASN A 422 -3.69 29.04 3.27
C ASN A 422 -3.76 30.48 2.79
N LEU A 423 -2.58 31.06 2.54
CA LEU A 423 -2.43 32.41 1.95
C LEU A 423 -3.25 32.57 0.67
N LEU A 424 -3.18 31.55 -0.17
CA LEU A 424 -3.89 31.55 -1.44
C LEU A 424 -5.40 31.52 -1.25
N ILE A 425 -5.88 30.70 -0.30
CA ILE A 425 -7.30 30.61 0.04
C ILE A 425 -7.79 31.96 0.60
N GLU A 426 -7.03 32.53 1.52
CA GLU A 426 -7.28 33.87 2.07
C GLU A 426 -7.38 34.96 1.02
N ALA A 427 -6.65 34.80 -0.08
CA ALA A 427 -6.63 35.78 -1.16
C ALA A 427 -7.82 35.74 -2.09
N PHE A 428 -8.65 34.69 -2.02
CA PHE A 428 -9.83 34.57 -2.87
C PHE A 428 -10.77 35.78 -2.72
N ARG A 429 -11.12 36.38 -3.86
CA ARG A 429 -12.12 37.42 -3.96
C ARG A 429 -13.38 36.77 -4.50
N THR A 430 -14.54 37.35 -4.19
CA THR A 430 -15.82 36.86 -4.69
C THR A 430 -16.45 37.89 -5.62
N THR A 431 -17.09 37.42 -6.69
CA THR A 431 -17.85 38.29 -7.59
C THR A 431 -19.09 37.58 -8.13
N ARG A 432 -20.08 38.38 -8.56
CA ARG A 432 -21.38 37.90 -9.03
C ARG A 432 -21.56 38.15 -10.53
N TYR A 433 -22.40 37.34 -11.15
CA TYR A 433 -22.66 37.38 -12.58
C TYR A 433 -24.16 37.26 -12.89
N GLU A 434 -24.62 38.10 -13.82
CA GLU A 434 -25.98 38.01 -14.37
C GLU A 434 -25.97 36.86 -15.37
N GLU A 435 -27.14 36.25 -15.59
CA GLU A 435 -27.26 35.19 -16.59
C GLU A 435 -26.90 35.73 -17.98
N GLY A 436 -26.13 34.95 -18.74
CA GLY A 436 -25.66 35.38 -20.06
C GLY A 436 -24.36 36.19 -20.10
N ASP A 437 -23.80 36.52 -18.93
CA ASP A 437 -22.50 37.20 -18.83
C ASP A 437 -21.38 36.23 -19.21
N TYR A 438 -20.52 36.66 -20.13
CA TYR A 438 -19.34 35.88 -20.51
C TYR A 438 -18.26 36.06 -19.45
N ILE A 439 -18.18 35.11 -18.53
CA ILE A 439 -17.16 35.10 -17.47
C ILE A 439 -15.77 35.01 -18.12
N ILE A 440 -15.63 34.11 -19.08
CA ILE A 440 -14.44 33.98 -19.92
C ILE A 440 -14.92 33.94 -21.37
N GLN A 441 -14.24 34.69 -22.23
CA GLN A 441 -14.50 34.73 -23.67
C GLN A 441 -13.31 34.04 -24.33
N GLU A 442 -13.56 33.07 -25.21
CA GLU A 442 -12.47 32.37 -25.89
C GLU A 442 -11.64 33.31 -26.78
N GLY A 443 -10.35 33.03 -26.89
CA GLY A 443 -9.41 33.87 -27.64
C GLY A 443 -8.70 34.92 -26.81
N GLU A 444 -9.35 35.41 -25.75
CA GLU A 444 -8.76 36.44 -24.90
C GLU A 444 -7.76 35.82 -23.95
N VAL A 445 -6.73 36.57 -23.60
CA VAL A 445 -5.72 36.13 -22.65
C VAL A 445 -6.22 36.34 -21.22
N GLY A 446 -6.31 35.25 -20.46
CA GLY A 446 -6.83 35.26 -19.09
C GLY A 446 -5.77 35.51 -18.04
N SER A 447 -6.20 35.99 -16.88
CA SER A 447 -5.34 36.15 -15.72
C SER A 447 -5.98 35.69 -14.39
N ARG A 448 -7.01 34.84 -14.47
CA ARG A 448 -7.80 34.47 -13.30
C ARG A 448 -8.23 33.01 -13.30
N PHE A 449 -8.19 32.43 -12.10
CA PHE A 449 -8.68 31.08 -11.80
C PHE A 449 -9.97 31.24 -11.00
N TYR A 450 -11.00 30.49 -11.37
CA TYR A 450 -12.33 30.59 -10.76
C TYR A 450 -12.78 29.28 -10.10
N ILE A 451 -13.50 29.41 -8.99
CA ILE A 451 -14.26 28.30 -8.39
C ILE A 451 -15.70 28.79 -8.24
N ILE A 452 -16.65 27.98 -8.71
CA ILE A 452 -18.07 28.32 -8.66
C ILE A 452 -18.60 28.15 -7.23
N LYS A 453 -19.04 29.25 -6.62
CA LYS A 453 -19.62 29.25 -5.28
C LYS A 453 -21.09 28.82 -5.33
N ASN A 454 -21.86 29.50 -6.20
CA ASN A 454 -23.30 29.26 -6.37
C ASN A 454 -23.67 29.25 -7.84
N GLY A 455 -24.63 28.39 -8.21
CA GLY A 455 -25.23 28.41 -9.55
C GLY A 455 -24.60 27.46 -10.54
N GLU A 456 -24.79 27.76 -11.82
CA GLU A 456 -24.32 26.93 -12.92
C GLU A 456 -23.67 27.78 -14.00
N VAL A 457 -22.71 27.19 -14.71
CA VAL A 457 -22.14 27.80 -15.93
C VAL A 457 -22.03 26.74 -17.01
N GLU A 458 -21.91 27.20 -18.25
CA GLU A 458 -21.89 26.34 -19.43
C GLU A 458 -20.65 26.64 -20.26
N VAL A 459 -19.87 25.60 -20.57
CA VAL A 459 -18.62 25.73 -21.32
C VAL A 459 -18.92 25.60 -22.80
N THR A 460 -18.37 26.49 -23.62
CA THR A 460 -18.60 26.47 -25.07
C THR A 460 -17.32 26.79 -25.87
N LYS A 461 -17.26 26.29 -27.10
CA LYS A 461 -16.17 26.60 -28.04
C LYS A 461 -16.71 26.62 -29.48
N ASN A 462 -16.35 27.66 -30.23
CA ASN A 462 -16.85 27.93 -31.58
C ASN A 462 -18.37 27.79 -31.75
N GLY A 463 -19.14 28.09 -30.70
CA GLY A 463 -20.59 27.94 -30.68
C GLY A 463 -21.12 26.73 -29.92
N LYS A 464 -20.58 25.55 -30.23
CA LYS A 464 -21.11 24.28 -29.68
C LYS A 464 -20.82 24.14 -28.18
N ARG A 465 -21.80 23.66 -27.43
CA ARG A 465 -21.65 23.39 -25.99
C ARG A 465 -20.81 22.14 -25.75
N LEU A 466 -19.93 22.21 -24.75
CA LEU A 466 -19.07 21.07 -24.36
C LEU A 466 -19.50 20.45 -23.02
N ARG A 467 -19.73 21.28 -22.00
CA ARG A 467 -20.10 20.78 -20.65
C ARG A 467 -20.85 21.81 -19.81
N THR A 468 -21.27 21.37 -18.63
CA THR A 468 -21.95 22.22 -17.64
C THR A 468 -21.32 21.97 -16.27
N LEU A 469 -21.07 23.05 -15.52
CA LEU A 469 -20.34 23.00 -14.24
C LEU A 469 -21.14 23.73 -13.18
N GLY A 470 -20.97 23.34 -11.92
CA GLY A 470 -21.75 23.90 -10.80
C GLY A 470 -20.99 23.99 -9.48
N LYS A 471 -21.74 24.23 -8.40
CA LYS A 471 -21.18 24.52 -7.08
C LYS A 471 -19.93 23.69 -6.81
N ASN A 472 -18.82 24.37 -6.53
CA ASN A 472 -17.51 23.77 -6.25
C ASN A 472 -16.70 23.19 -7.41
N ASP A 473 -17.22 23.26 -8.65
CA ASP A 473 -16.39 23.07 -9.83
C ASP A 473 -15.49 24.29 -10.01
N TYR A 474 -14.48 24.15 -10.89
CA TYR A 474 -13.49 25.19 -11.11
C TYR A 474 -13.09 25.23 -12.57
N PHE A 475 -12.47 26.33 -12.98
CA PHE A 475 -12.01 26.49 -14.36
C PHE A 475 -10.98 27.61 -14.50
N GLY A 476 -10.21 27.55 -15.59
CA GLY A 476 -9.25 28.59 -15.95
C GLY A 476 -7.90 28.57 -15.25
N GLU A 477 -7.58 27.49 -14.55
CA GLU A 477 -6.31 27.36 -13.81
C GLU A 477 -5.02 27.60 -14.64
N ARG A 478 -5.05 27.26 -15.93
CA ARG A 478 -3.90 27.48 -16.82
C ARG A 478 -3.41 28.93 -16.89
N ALA A 479 -4.32 29.88 -16.76
CA ALA A 479 -3.98 31.30 -16.77
C ALA A 479 -3.02 31.74 -15.66
N LEU A 480 -2.92 30.95 -14.58
CA LEU A 480 -1.98 31.24 -13.51
C LEU A 480 -0.52 30.94 -13.92
N LEU A 481 -0.34 30.00 -14.85
CA LEU A 481 0.96 29.51 -15.28
C LEU A 481 1.40 30.07 -16.63
N TYR A 482 0.44 30.35 -17.50
CA TYR A 482 0.74 30.77 -18.88
C TYR A 482 -0.04 31.99 -19.30
N ASP A 483 0.52 32.63 -20.32
CA ASP A 483 -0.07 33.78 -20.97
C ASP A 483 -0.51 33.29 -22.34
N GLU A 484 -1.81 33.00 -22.47
CA GLU A 484 -2.32 32.29 -23.64
C GLU A 484 -3.80 32.54 -23.88
N PRO A 485 -4.27 32.37 -25.14
CA PRO A 485 -5.71 32.53 -25.40
C PRO A 485 -6.53 31.44 -24.73
N ARG A 486 -7.68 31.82 -24.18
CA ARG A 486 -8.60 30.87 -23.57
C ARG A 486 -9.15 29.98 -24.67
N THR A 487 -9.02 28.67 -24.50
CA THR A 487 -9.50 27.71 -25.51
C THR A 487 -11.03 27.60 -25.58
N ALA A 488 -11.72 27.88 -24.47
CA ALA A 488 -13.18 27.84 -24.40
C ALA A 488 -13.74 29.10 -23.74
N SER A 489 -15.05 29.27 -23.86
CA SER A 489 -15.79 30.36 -23.20
C SER A 489 -16.64 29.78 -22.08
N ILE A 490 -16.96 30.62 -21.10
CA ILE A 490 -17.75 30.23 -19.92
C ILE A 490 -18.89 31.22 -19.74
N ILE A 491 -20.10 30.82 -20.15
CA ILE A 491 -21.30 31.65 -20.04
C ILE A 491 -22.06 31.29 -18.76
N SER A 492 -22.56 32.31 -18.07
CA SER A 492 -23.42 32.13 -16.91
C SER A 492 -24.77 31.57 -17.36
N LYS A 493 -25.15 30.40 -16.82
CA LYS A 493 -26.38 29.70 -17.17
C LYS A 493 -27.32 29.59 -15.96
N ALA A 494 -27.35 30.65 -15.16
CA ALA A 494 -28.25 30.75 -13.99
C ALA A 494 -28.33 32.20 -13.50
N THR A 495 -29.34 32.47 -12.69
CA THR A 495 -29.54 33.79 -12.10
C THR A 495 -28.63 33.95 -10.88
N SER A 496 -27.80 35.00 -10.90
CA SER A 496 -26.86 35.34 -9.80
C SER A 496 -25.84 34.25 -9.50
N VAL A 497 -25.02 33.93 -10.51
CA VAL A 497 -23.89 33.01 -10.34
C VAL A 497 -22.78 33.73 -9.60
N GLU A 498 -22.30 33.12 -8.52
CA GLU A 498 -21.18 33.64 -7.73
C GLU A 498 -19.96 32.73 -7.91
N CYS A 499 -18.81 33.35 -8.17
CA CYS A 499 -17.52 32.65 -8.24
C CYS A 499 -16.54 33.23 -7.22
N TRP A 500 -15.77 32.36 -6.58
CA TRP A 500 -14.51 32.76 -5.93
C TRP A 500 -13.47 32.87 -7.04
N PHE A 501 -12.50 33.77 -6.88
CA PHE A 501 -11.42 33.83 -7.84
C PHE A 501 -10.13 34.40 -7.25
N VAL A 502 -9.02 34.10 -7.93
CA VAL A 502 -7.69 34.54 -7.52
C VAL A 502 -6.94 34.99 -8.77
N ASP A 503 -6.29 36.14 -8.67
CA ASP A 503 -5.51 36.70 -9.77
C ASP A 503 -4.14 36.02 -9.86
N LYS A 504 -3.60 36.01 -11.07
CA LYS A 504 -2.26 35.50 -11.36
C LYS A 504 -1.20 36.25 -10.57
N SER A 505 -1.35 37.56 -10.45
CA SER A 505 -0.40 38.39 -9.70
C SER A 505 -0.28 37.95 -8.26
N VAL A 506 -1.40 37.56 -7.64
CA VAL A 506 -1.38 37.07 -6.25
C VAL A 506 -0.75 35.68 -6.17
N PHE A 507 -1.11 34.81 -7.12
CA PHE A 507 -0.50 33.48 -7.25
C PHE A 507 1.03 33.55 -7.39
N LEU A 508 1.55 34.49 -8.17
CA LEU A 508 3.00 34.67 -8.34
C LEU A 508 3.74 35.24 -7.12
N GLN A 509 3.02 35.96 -6.25
CA GLN A 509 3.59 36.43 -4.97
C GLN A 509 3.69 35.34 -3.90
N ILE A 510 2.98 34.23 -4.10
CA ILE A 510 2.92 33.14 -3.13
C ILE A 510 3.84 32.01 -3.56
N ILE A 511 3.69 31.56 -4.81
CA ILE A 511 4.50 30.46 -5.34
CA ILE A 511 4.50 30.45 -5.34
C ILE A 511 5.87 30.97 -5.77
N GLN A 512 6.91 30.23 -5.40
CA GLN A 512 8.30 30.63 -5.67
C GLN A 512 8.86 29.88 -6.87
N GLY A 513 9.96 30.40 -7.42
CA GLY A 513 10.56 29.89 -8.65
C GLY A 513 10.60 28.37 -8.88
N PRO A 514 11.20 27.60 -7.94
CA PRO A 514 11.36 26.16 -8.17
C PRO A 514 10.04 25.42 -8.40
N MET A 515 9.06 25.61 -7.51
CA MET A 515 7.75 24.99 -7.71
C MET A 515 7.08 25.47 -8.99
N LEU A 516 7.13 26.78 -9.23
CA LEU A 516 6.58 27.37 -10.45
C LEU A 516 7.20 26.78 -11.75
N THR A 517 8.52 26.54 -11.76
CA THR A 517 9.20 25.96 -12.92
C THR A 517 8.68 24.53 -13.17
N HIS A 518 8.60 23.75 -12.08
CA HIS A 518 8.02 22.42 -12.08
C HIS A 518 6.60 22.39 -12.66
N LEU A 519 5.73 23.29 -12.21
CA LEU A 519 4.36 23.35 -12.74
C LEU A 519 4.32 23.83 -14.20
N GLU A 520 5.04 24.92 -14.49
CA GLU A 520 5.19 25.46 -15.87
C GLU A 520 5.51 24.36 -16.87
N GLU A 521 6.57 23.61 -16.56
CA GLU A 521 7.09 22.58 -17.46
C GLU A 521 6.20 21.34 -17.60
N ARG A 522 5.45 21.03 -16.54
CA ARG A 522 4.71 19.79 -16.44
C ARG A 522 3.34 19.87 -17.07
N ILE A 523 2.61 20.92 -16.75
CA ILE A 523 1.26 21.07 -17.28
C ILE A 523 1.33 21.21 -18.81
N LYS A 524 2.35 21.94 -19.28
CA LYS A 524 2.60 22.22 -20.70
C LYS A 524 2.87 20.98 -21.56
N MET A 525 3.65 20.04 -21.02
CA MET A 525 4.11 18.86 -21.77
C MET A 525 2.99 17.86 -22.14
N GLN A 526 2.03 17.67 -21.24
CA GLN A 526 0.86 16.82 -21.52
C GLN A 526 -0.11 17.55 -22.46
N ASP A 527 -0.19 18.87 -22.31
CA ASP A 527 -1.03 19.73 -23.17
C ASP A 527 -0.68 19.60 -24.66
N THR A 528 0.62 19.63 -24.98
CA THR A 528 1.07 19.58 -26.38
C THR A 528 0.98 18.15 -26.95
N LYS A 529 0.15 17.96 -27.97
CA LYS A 529 0.03 16.66 -28.65
C LYS A 529 1.32 16.31 -29.39
N VAL A 530 1.58 15.01 -29.56
CA VAL A 530 2.85 14.53 -30.13
C VAL A 530 2.62 13.36 -31.08
N GLU A 531 3.39 13.36 -32.17
CA GLU A 531 3.42 12.25 -33.13
C GLU A 531 4.87 11.85 -33.33
N MET A 532 5.08 10.59 -33.71
CA MET A 532 6.41 10.02 -33.88
C MET A 532 7.25 10.80 -34.91
N HIS A 533 6.62 11.14 -36.03
CA HIS A 533 7.29 11.89 -37.11
C HIS A 533 7.79 13.30 -36.75
N GLU A 534 7.26 13.87 -35.67
CA GLU A 534 7.72 15.18 -35.14
C GLU A 534 8.94 15.11 -34.20
N LEU A 535 9.39 13.89 -33.85
CA LEU A 535 10.50 13.70 -32.90
C LEU A 535 11.80 13.27 -33.59
N GLU A 536 12.89 13.97 -33.30
CA GLU A 536 14.23 13.64 -33.79
C GLU A 536 15.10 13.19 -32.61
N THR A 537 15.80 12.07 -32.76
CA THR A 537 16.66 11.53 -31.72
C THR A 537 18.01 12.25 -31.66
N GLU A 538 18.29 12.94 -30.55
CA GLU A 538 19.60 13.60 -30.35
C GLU A 538 20.68 12.56 -30.05
N ARG A 539 20.46 11.78 -29.01
CA ARG A 539 21.41 10.78 -28.55
C ARG A 539 20.73 9.68 -27.73
N ILE A 540 21.40 8.54 -27.64
CA ILE A 540 20.94 7.43 -26.81
C ILE A 540 21.38 7.70 -25.37
N ILE A 541 20.46 7.51 -24.42
CA ILE A 541 20.76 7.72 -22.98
C ILE A 541 20.58 6.48 -22.10
N GLY A 542 20.22 5.34 -22.68
CA GLY A 542 20.09 4.09 -21.93
C GLY A 542 19.98 2.87 -22.83
N ARG A 543 20.56 1.75 -22.39
CA ARG A 543 20.54 0.49 -23.15
C ARG A 543 20.27 -0.71 -22.24
N GLY A 544 19.94 -1.83 -22.87
CA GLY A 544 19.69 -3.08 -22.15
C GLY A 544 19.05 -4.15 -23.03
N THR A 545 18.71 -5.27 -22.41
CA THR A 545 17.99 -6.35 -23.07
C THR A 545 16.52 -5.98 -23.36
N PHE A 546 15.96 -5.07 -22.55
CA PHE A 546 14.64 -4.48 -22.81
C PHE A 546 14.59 -3.73 -24.16
N GLY A 547 15.67 -3.00 -24.47
CA GLY A 547 15.77 -2.21 -25.71
C GLY A 547 16.68 -1.01 -25.55
N THR A 548 16.12 0.20 -25.74
CA THR A 548 16.89 1.44 -25.69
C THR A 548 16.05 2.65 -25.27
N VAL A 549 16.72 3.68 -24.75
CA VAL A 549 16.07 4.94 -24.37
C VAL A 549 16.82 6.10 -25.04
N LYS A 550 16.08 6.85 -25.86
CA LYS A 550 16.62 7.94 -26.68
C LYS A 550 16.17 9.29 -26.13
N LEU A 551 17.07 10.26 -26.15
CA LEU A 551 16.76 11.65 -25.83
C LEU A 551 16.23 12.29 -27.12
N VAL A 552 15.00 12.80 -27.08
CA VAL A 552 14.30 13.27 -28.29
C VAL A 552 13.89 14.74 -28.19
N HIS A 553 13.84 15.39 -29.36
CA HIS A 553 13.63 16.83 -29.51
C HIS A 553 12.37 16.99 -30.36
N HIS A 554 11.37 17.68 -29.84
CA HIS A 554 10.10 17.89 -30.55
C HIS A 554 10.16 19.18 -31.35
N LYS A 555 10.25 19.07 -32.68
CA LYS A 555 10.49 20.21 -33.58
C LYS A 555 9.49 21.39 -33.45
N PRO A 556 8.16 21.09 -33.43
CA PRO A 556 7.13 22.14 -33.29
C PRO A 556 7.23 23.05 -32.05
N THR A 557 7.36 22.46 -30.87
CA THR A 557 7.42 23.19 -29.59
C THR A 557 8.83 23.39 -29.01
N GLN A 558 9.80 22.61 -29.50
CA GLN A 558 11.19 22.59 -28.98
C GLN A 558 11.35 22.03 -27.55
N ILE A 559 10.33 21.30 -27.07
CA ILE A 559 10.37 20.67 -25.75
C ILE A 559 11.10 19.34 -25.93
N ARG A 560 12.07 19.06 -25.06
CA ARG A 560 12.87 17.85 -25.14
C ARG A 560 12.29 16.78 -24.21
N TYR A 561 12.25 15.53 -24.69
CA TYR A 561 11.63 14.40 -23.98
C TYR A 561 12.58 13.20 -23.85
N ALA A 562 12.08 12.12 -23.26
CA ALA A 562 12.77 10.82 -23.24
C ALA A 562 11.85 9.77 -23.85
N LEU A 563 12.39 8.95 -24.75
CA LEU A 563 11.63 7.92 -25.45
C LEU A 563 12.24 6.53 -25.26
N LYS A 564 11.59 5.71 -24.44
CA LYS A 564 11.98 4.32 -24.22
C LYS A 564 11.41 3.45 -25.32
N CYS A 565 12.22 2.51 -25.82
CA CYS A 565 11.81 1.53 -26.82
C CYS A 565 11.87 0.16 -26.17
N VAL A 566 10.74 -0.53 -26.09
CA VAL A 566 10.69 -1.89 -25.56
C VAL A 566 10.48 -2.82 -26.75
N SER A 567 11.50 -3.63 -27.09
CA SER A 567 11.46 -4.51 -28.25
C SER A 567 10.40 -5.60 -28.09
N LYS A 568 9.63 -5.85 -29.15
CA LYS A 568 8.57 -6.87 -29.14
C LYS A 568 9.14 -8.28 -28.93
N ARG A 569 10.29 -8.54 -29.54
CA ARG A 569 11.03 -9.80 -29.37
C ARG A 569 11.45 -10.07 -27.91
N SER A 570 11.69 -9.01 -27.15
CA SER A 570 12.01 -9.12 -25.71
C SER A 570 10.81 -9.58 -24.87
N ILE A 571 9.63 -9.03 -25.16
CA ILE A 571 8.42 -9.32 -24.38
C ILE A 571 7.82 -10.70 -24.67
N ILE A 572 7.73 -11.06 -25.95
CA ILE A 572 7.17 -12.35 -26.36
C ILE A 572 8.08 -13.56 -26.07
N SER A 573 9.39 -13.32 -25.91
CA SER A 573 10.37 -14.38 -25.61
C SER A 573 10.28 -14.88 -24.16
N LEU A 574 10.10 -13.95 -23.21
CA LEU A 574 9.94 -14.28 -21.78
C LEU A 574 8.47 -14.41 -21.33
N ASN A 575 7.54 -14.50 -22.29
CA ASN A 575 6.10 -14.64 -22.01
C ASN A 575 5.46 -13.44 -21.27
N GLN A 576 6.07 -12.27 -21.37
CA GLN A 576 5.55 -11.04 -20.76
C GLN A 576 4.61 -10.38 -21.76
N GLN A 577 3.48 -11.03 -21.99
CA GLN A 577 2.43 -10.55 -22.87
C GLN A 577 1.48 -9.69 -22.03
N ASN A 578 0.89 -10.31 -21.02
CA ASN A 578 -0.02 -9.62 -20.10
C ASN A 578 0.65 -8.54 -19.23
N ASN A 579 1.97 -8.64 -19.04
CA ASN A 579 2.72 -7.72 -18.17
C ASN A 579 3.04 -6.34 -18.76
N ILE A 580 3.30 -6.27 -20.07
CA ILE A 580 3.63 -4.98 -20.71
C ILE A 580 2.44 -4.01 -20.69
N LYS A 581 1.22 -4.53 -20.82
CA LYS A 581 0.02 -3.69 -20.77
C LYS A 581 -0.27 -3.22 -19.34
N LEU A 582 -0.07 -4.10 -18.35
CA LEU A 582 -0.18 -3.74 -16.92
C LEU A 582 0.88 -2.73 -16.49
N GLU A 583 2.01 -2.69 -17.18
CA GLU A 583 3.03 -1.65 -16.98
C GLU A 583 2.61 -0.33 -17.62
N ARG A 584 2.06 -0.40 -18.83
CA ARG A 584 1.53 0.80 -19.51
C ARG A 584 0.45 1.45 -18.63
N GLU A 585 -0.45 0.63 -18.10
CA GLU A 585 -1.55 1.08 -17.26
C GLU A 585 -1.01 1.88 -16.06
N ILE A 586 -0.15 1.24 -15.26
CA ILE A 586 0.43 1.86 -14.06
C ILE A 586 1.23 3.13 -14.37
N THR A 587 2.11 3.03 -15.37
CA THR A 587 2.98 4.15 -15.74
C THR A 587 2.21 5.37 -16.27
N ALA A 588 1.10 5.13 -16.96
CA ALA A 588 0.21 6.19 -17.45
C ALA A 588 -0.58 6.88 -16.35
N GLU A 589 -1.02 6.11 -15.35
CA GLU A 589 -1.87 6.62 -14.28
C GLU A 589 -1.17 7.43 -13.20
N ASN A 590 0.17 7.34 -13.11
CA ASN A 590 0.90 8.03 -12.04
C ASN A 590 0.94 9.53 -12.31
N ASP A 591 0.50 10.33 -11.33
CA ASP A 591 0.53 11.78 -11.42
C ASP A 591 0.99 12.36 -10.09
N HIS A 592 2.27 12.13 -9.79
CA HIS A 592 2.93 12.61 -8.58
C HIS A 592 4.26 13.30 -8.96
N PRO A 593 4.68 14.36 -8.22
CA PRO A 593 5.89 15.11 -8.63
C PRO A 593 7.21 14.34 -8.54
N PHE A 594 7.31 13.42 -7.59
CA PHE A 594 8.47 12.53 -7.47
C PHE A 594 8.36 11.17 -8.20
N ILE A 595 7.38 11.03 -9.09
CA ILE A 595 7.27 9.87 -9.99
C ILE A 595 7.25 10.35 -11.43
N ILE A 596 7.91 9.59 -12.31
CA ILE A 596 8.05 9.95 -13.70
C ILE A 596 6.68 10.10 -14.36
N ARG A 597 6.56 11.10 -15.23
CA ARG A 597 5.30 11.47 -15.81
C ARG A 597 5.28 11.09 -17.30
N LEU A 598 4.39 10.17 -17.64
CA LEU A 598 4.19 9.75 -19.02
C LEU A 598 3.40 10.79 -19.81
N VAL A 599 3.75 10.94 -21.07
CA VAL A 599 3.07 11.84 -21.99
C VAL A 599 2.09 11.05 -22.86
N ARG A 600 2.61 10.07 -23.58
CA ARG A 600 1.82 9.19 -24.43
C ARG A 600 2.62 7.95 -24.79
N THR A 601 1.94 6.91 -25.28
CA THR A 601 2.58 5.68 -25.74
C THR A 601 2.25 5.49 -27.22
N PHE A 602 3.26 5.13 -28.01
CA PHE A 602 3.07 4.84 -29.44
C PHE A 602 3.31 3.34 -29.73
N LYS A 603 2.65 2.85 -30.79
CA LYS A 603 2.77 1.46 -31.24
C LYS A 603 3.60 1.41 -32.53
N ASP A 604 4.28 0.29 -32.74
CA ASP A 604 5.19 0.12 -33.88
C ASP A 604 5.34 -1.37 -34.24
N SER A 605 5.75 -1.62 -35.48
CA SER A 605 6.04 -2.98 -35.95
C SER A 605 7.24 -3.63 -35.23
N ASN A 606 8.17 -2.81 -34.75
CA ASN A 606 9.34 -3.30 -34.01
C ASN A 606 9.11 -3.29 -32.49
N CYS A 607 8.94 -2.10 -31.92
CA CYS A 607 8.96 -1.91 -30.44
C CYS A 607 7.77 -1.10 -29.87
N PHE A 608 7.46 -1.36 -28.60
CA PHE A 608 6.51 -0.55 -27.83
C PHE A 608 7.22 0.71 -27.30
N TYR A 609 6.62 1.89 -27.52
CA TYR A 609 7.22 3.16 -27.11
C TYR A 609 6.55 3.73 -25.85
N PHE A 610 7.36 4.33 -24.99
CA PHE A 610 6.91 5.14 -23.86
C PHE A 610 7.56 6.51 -23.98
N LEU A 611 6.77 7.57 -24.08
CA LEU A 611 7.28 8.95 -24.11
C LEU A 611 7.03 9.60 -22.75
N THR A 612 8.10 10.04 -22.08
CA THR A 612 8.01 10.70 -20.77
C THR A 612 8.81 11.98 -20.77
N GLU A 613 8.63 12.78 -19.73
CA GLU A 613 9.49 13.93 -19.44
C GLU A 613 10.96 13.51 -19.42
N LEU A 614 11.85 14.46 -19.75
CA LEU A 614 13.29 14.24 -19.70
C LEU A 614 13.78 14.60 -18.31
N VAL A 615 14.47 13.66 -17.66
CA VAL A 615 15.05 13.89 -16.35
C VAL A 615 16.56 14.02 -16.53
N THR A 616 17.11 15.19 -16.22
CA THR A 616 18.50 15.54 -16.60
C THR A 616 19.59 15.42 -15.53
N GLY A 617 19.22 15.20 -14.27
CA GLY A 617 20.20 15.21 -13.17
C GLY A 617 20.85 13.87 -12.81
N GLY A 618 20.62 12.83 -13.61
CA GLY A 618 21.25 11.51 -13.42
C GLY A 618 20.59 10.62 -12.39
N GLU A 619 21.11 9.40 -12.23
CA GLU A 619 20.60 8.45 -11.24
C GLU A 619 21.03 8.80 -9.81
N LEU A 620 20.22 8.35 -8.85
CA LEU A 620 20.52 8.51 -7.42
C LEU A 620 21.67 7.58 -6.99
N TYR A 621 21.74 6.41 -7.64
CA TYR A 621 22.85 5.47 -7.50
C TYR A 621 24.18 6.21 -7.55
N ASP A 622 24.37 7.06 -8.56
CA ASP A 622 25.60 7.83 -8.70
C ASP A 622 25.68 8.99 -7.71
N ALA A 623 24.55 9.64 -7.44
CA ALA A 623 24.52 10.82 -6.56
C ALA A 623 25.02 10.51 -5.16
N ILE A 624 24.50 9.46 -4.53
CA ILE A 624 24.97 9.06 -3.20
C ILE A 624 26.46 8.71 -3.22
N ARG A 625 26.91 8.05 -4.29
CA ARG A 625 28.33 7.75 -4.48
C ARG A 625 29.23 8.98 -4.62
N LYS A 626 28.70 10.07 -5.17
CA LYS A 626 29.41 11.37 -5.14
C LYS A 626 29.41 11.96 -3.73
N LEU A 627 28.28 11.85 -3.04
CA LEU A 627 28.16 12.35 -1.66
C LEU A 627 28.94 11.54 -0.62
N GLY A 628 29.14 10.24 -0.89
CA GLY A 628 29.69 9.32 0.09
C GLY A 628 28.64 8.89 1.08
N LEU A 629 28.98 8.87 2.36
CA LEU A 629 28.00 8.60 3.39
C LEU A 629 27.16 9.87 3.58
N LEU A 630 25.84 9.74 3.49
CA LEU A 630 24.95 10.89 3.58
C LEU A 630 24.77 11.31 5.03
N SER A 631 24.71 12.61 5.27
CA SER A 631 24.42 13.17 6.58
C SER A 631 22.94 13.01 6.90
N LYS A 632 22.53 13.42 8.09
CA LYS A 632 21.13 13.29 8.49
C LYS A 632 20.21 14.10 7.55
N PRO A 633 20.50 15.41 7.34
CA PRO A 633 19.66 16.17 6.41
C PRO A 633 19.57 15.58 5.00
N GLN A 634 20.67 15.03 4.49
CA GLN A 634 20.69 14.50 3.12
C GLN A 634 19.90 13.20 3.01
N ALA A 635 20.10 12.31 3.98
CA ALA A 635 19.30 11.08 4.04
C ALA A 635 17.81 11.37 4.28
N GLN A 636 17.50 12.36 5.12
CA GLN A 636 16.12 12.80 5.32
C GLN A 636 15.46 13.22 4.01
N PHE A 637 16.17 14.03 3.23
CA PHE A 637 15.66 14.55 1.97
C PHE A 637 15.32 13.42 1.01
N TYR A 638 16.32 12.59 0.68
CA TYR A 638 16.16 11.53 -0.33
C TYR A 638 15.15 10.46 0.12
N LEU A 639 15.30 9.98 1.35
CA LEU A 639 14.39 8.95 1.87
C LEU A 639 12.97 9.49 2.01
N GLY A 640 12.86 10.71 2.54
CA GLY A 640 11.60 11.45 2.56
C GLY A 640 10.93 11.53 1.19
N SER A 641 11.72 11.85 0.16
CA SER A 641 11.21 11.93 -1.21
C SER A 641 10.71 10.56 -1.70
N ILE A 642 11.47 9.51 -1.41
CA ILE A 642 11.07 8.14 -1.80
C ILE A 642 9.79 7.74 -1.08
N ILE A 643 9.69 8.11 0.20
CA ILE A 643 8.49 7.83 1.02
C ILE A 643 7.22 8.41 0.39
N LEU A 644 7.29 9.65 -0.07
CA LEU A 644 6.13 10.29 -0.69
C LEU A 644 5.68 9.59 -1.97
N ALA A 645 6.65 9.14 -2.78
CA ALA A 645 6.34 8.41 -4.01
C ALA A 645 5.71 7.05 -3.73
N ILE A 646 6.31 6.31 -2.80
CA ILE A 646 5.83 4.97 -2.44
C ILE A 646 4.45 5.03 -1.76
N GLU A 647 4.25 6.03 -0.90
CA GLU A 647 2.97 6.29 -0.25
C GLU A 647 1.86 6.56 -1.27
N TYR A 648 2.17 7.41 -2.24
CA TYR A 648 1.26 7.70 -3.34
C TYR A 648 0.80 6.40 -4.01
N LEU A 649 1.75 5.53 -4.32
CA LEU A 649 1.47 4.25 -4.98
C LEU A 649 0.65 3.30 -4.10
N HIS A 650 1.03 3.19 -2.83
CA HIS A 650 0.32 2.33 -1.87
C HIS A 650 -1.15 2.75 -1.64
N GLU A 651 -1.41 4.06 -1.67
CA GLU A 651 -2.78 4.58 -1.65
C GLU A 651 -3.58 4.18 -2.87
N ARG A 652 -2.92 3.97 -4.01
CA ARG A 652 -3.55 3.44 -5.23
C ARG A 652 -3.42 1.91 -5.38
N ASN A 653 -3.17 1.20 -4.27
CA ASN A 653 -3.01 -0.25 -4.27
C ASN A 653 -2.01 -0.78 -5.30
N ILE A 654 -0.89 -0.09 -5.41
CA ILE A 654 0.21 -0.52 -6.25
C ILE A 654 1.38 -0.81 -5.32
N VAL A 655 1.94 -2.00 -5.47
CA VAL A 655 3.20 -2.36 -4.81
C VAL A 655 4.29 -2.25 -5.88
N TYR A 656 5.36 -1.53 -5.56
CA TYR A 656 6.41 -1.21 -6.52
C TYR A 656 7.32 -2.42 -6.80
N ARG A 657 7.77 -3.08 -5.73
CA ARG A 657 8.49 -4.37 -5.77
C ARG A 657 9.95 -4.37 -6.23
N ASP A 658 10.47 -3.22 -6.69
CA ASP A 658 11.86 -3.13 -7.15
C ASP A 658 12.52 -1.81 -6.75
N LEU A 659 12.37 -1.44 -5.48
CA LEU A 659 12.95 -0.19 -4.99
C LEU A 659 14.46 -0.30 -4.76
N LYS A 660 15.21 0.49 -5.52
CA LYS A 660 16.66 0.61 -5.38
C LYS A 660 17.12 1.95 -5.99
N PRO A 661 18.29 2.48 -5.56
CA PRO A 661 18.77 3.77 -6.07
C PRO A 661 18.81 3.87 -7.60
N GLU A 662 19.13 2.77 -8.27
CA GLU A 662 19.17 2.71 -9.74
C GLU A 662 17.87 3.17 -10.38
N ASN A 663 16.74 2.83 -9.75
CA ASN A 663 15.43 3.18 -10.29
C ASN A 663 14.87 4.55 -9.86
N ILE A 664 15.76 5.42 -9.33
CA ILE A 664 15.40 6.77 -8.91
C ILE A 664 16.33 7.78 -9.60
N LEU A 665 15.78 8.58 -10.51
CA LEU A 665 16.53 9.67 -11.17
C LEU A 665 16.42 10.98 -10.38
N LEU A 666 17.25 11.96 -10.74
CA LEU A 666 17.21 13.31 -10.16
C LEU A 666 17.00 14.33 -11.28
N ASP A 667 16.14 15.33 -11.04
CA ASP A 667 15.83 16.38 -12.04
C ASP A 667 16.84 17.55 -11.99
N LYS A 668 16.60 18.62 -12.76
CA LYS A 668 17.49 19.80 -12.77
C LYS A 668 17.63 20.44 -11.40
N GLN A 669 16.52 20.44 -10.65
CA GLN A 669 16.46 21.11 -9.35
C GLN A 669 16.95 20.22 -8.21
N GLY A 670 17.22 18.95 -8.50
CA GLY A 670 17.80 18.03 -7.52
C GLY A 670 16.79 17.18 -6.75
N TYR A 671 15.56 17.09 -7.26
CA TYR A 671 14.47 16.34 -6.63
C TYR A 671 14.27 15.03 -7.39
N VAL A 672 13.81 14.01 -6.66
CA VAL A 672 13.84 12.64 -7.17
C VAL A 672 12.71 12.36 -8.15
N LYS A 673 12.95 11.39 -9.03
CA LYS A 673 11.93 10.89 -9.96
C LYS A 673 12.04 9.38 -9.99
N LEU A 674 11.00 8.69 -9.52
CA LEU A 674 10.93 7.24 -9.56
C LEU A 674 10.61 6.79 -10.99
N ILE A 675 11.36 5.80 -11.48
CA ILE A 675 11.20 5.24 -12.83
C ILE A 675 11.10 3.72 -12.74
N ASP A 676 10.89 3.05 -13.88
CA ASP A 676 10.87 1.56 -13.99
C ASP A 676 9.77 0.91 -13.15
N PHE A 677 8.59 0.76 -13.74
CA PHE A 677 7.46 0.08 -13.11
C PHE A 677 7.23 -1.32 -13.71
N GLY A 678 8.33 -2.01 -14.07
CA GLY A 678 8.26 -3.34 -14.66
C GLY A 678 7.83 -4.39 -13.66
N CYS A 679 8.43 -4.35 -12.47
CA CYS A 679 8.06 -5.24 -11.37
C CYS A 679 6.80 -4.82 -10.59
N ALA A 680 6.33 -3.59 -10.81
CA ALA A 680 5.16 -3.07 -10.09
C ALA A 680 3.85 -3.75 -10.49
N LYS A 681 2.96 -3.91 -9.53
CA LYS A 681 1.67 -4.61 -9.72
C LYS A 681 0.55 -3.96 -8.90
N LYS A 682 -0.67 -3.95 -9.47
CA LYS A 682 -1.87 -3.54 -8.73
C LYS A 682 -2.30 -4.65 -7.79
N ILE A 683 -2.07 -4.44 -6.51
CA ILE A 683 -2.29 -5.47 -5.50
C ILE A 683 -3.79 -5.69 -5.24
N GLN A 684 -4.22 -6.94 -5.38
CA GLN A 684 -5.58 -7.35 -5.10
C GLN A 684 -5.47 -8.64 -4.29
N GLY A 685 -5.53 -8.50 -2.97
CA GLY A 685 -5.27 -9.59 -2.04
C GLY A 685 -3.79 -9.72 -1.73
N ARG A 686 -3.31 -10.95 -1.62
CA ARG A 686 -1.91 -11.20 -1.27
C ARG A 686 -1.18 -11.64 -2.53
N ALA A 687 -0.03 -11.04 -2.79
CA ALA A 687 0.84 -11.47 -3.90
C ALA A 687 1.80 -12.58 -3.44
N TYR A 688 2.16 -13.47 -4.37
CA TYR A 688 3.11 -14.57 -4.10
C TYR A 688 4.31 -14.69 -5.05
N THR A 689 4.17 -14.23 -6.29
CA THR A 689 5.23 -14.30 -7.27
C THR A 689 6.50 -13.66 -6.73
N LEU A 690 7.63 -14.30 -7.00
CA LEU A 690 8.94 -13.85 -6.55
C LEU A 690 9.54 -12.91 -7.59
N VAL A 691 9.55 -11.62 -7.30
CA VAL A 691 10.17 -10.63 -8.19
C VAL A 691 11.02 -9.61 -7.43
N GLY A 692 11.80 -8.85 -8.21
CA GLY A 692 12.64 -7.78 -7.70
C GLY A 692 14.12 -8.12 -7.71
N THR A 693 14.91 -7.20 -7.17
CA THR A 693 16.37 -7.34 -7.09
C THR A 693 16.73 -7.94 -5.73
N PRO A 694 17.43 -9.09 -5.70
CA PRO A 694 17.63 -9.85 -4.47
C PRO A 694 18.09 -9.08 -3.24
N HIS A 695 19.05 -8.17 -3.37
CA HIS A 695 19.56 -7.41 -2.21
C HIS A 695 18.50 -6.53 -1.53
N TYR A 696 17.51 -6.09 -2.30
CA TYR A 696 16.42 -5.26 -1.79
C TYR A 696 15.16 -6.05 -1.44
N MET A 697 15.15 -7.35 -1.74
CA MET A 697 13.96 -8.16 -1.56
C MET A 697 13.68 -8.46 -0.10
N ALA A 698 12.40 -8.38 0.25
CA ALA A 698 11.94 -8.59 1.62
C ALA A 698 11.86 -10.08 1.96
N PRO A 699 12.12 -10.44 3.22
CA PRO A 699 12.07 -11.85 3.59
C PRO A 699 10.72 -12.53 3.37
N GLU A 700 9.61 -11.78 3.42
CA GLU A 700 8.28 -12.37 3.21
C GLU A 700 8.02 -12.78 1.76
N VAL A 701 8.67 -12.09 0.81
CA VAL A 701 8.62 -12.49 -0.60
C VAL A 701 9.29 -13.85 -0.77
N ILE A 702 10.48 -13.97 -0.18
CA ILE A 702 11.34 -15.15 -0.30
C ILE A 702 10.71 -16.38 0.36
N LEU A 703 10.00 -16.18 1.45
CA LEU A 703 9.40 -17.29 2.20
C LEU A 703 8.09 -17.84 1.60
N GLY A 704 7.52 -17.13 0.62
CA GLY A 704 6.44 -17.69 -0.20
C GLY A 704 5.07 -17.87 0.45
N LYS A 705 4.87 -17.25 1.61
CA LYS A 705 3.61 -17.34 2.36
C LYS A 705 2.68 -16.13 2.19
N GLY A 706 3.03 -15.22 1.26
CA GLY A 706 2.17 -14.08 0.94
C GLY A 706 2.78 -12.75 1.34
N TYR A 707 2.62 -11.75 0.49
CA TYR A 707 3.06 -10.40 0.81
C TYR A 707 2.19 -9.34 0.15
N GLY A 708 2.31 -8.12 0.67
CA GLY A 708 1.59 -6.95 0.15
C GLY A 708 2.54 -5.79 -0.10
N CYS A 709 2.01 -4.58 0.01
CA CYS A 709 2.78 -3.34 -0.19
C CYS A 709 3.92 -3.14 0.84
N THR A 710 3.85 -3.85 1.98
CA THR A 710 4.88 -3.83 3.02
C THR A 710 6.31 -4.09 2.51
N VAL A 711 6.42 -4.82 1.40
CA VAL A 711 7.74 -5.13 0.86
C VAL A 711 8.53 -3.86 0.46
N ASP A 712 7.84 -2.83 -0.02
CA ASP A 712 8.54 -1.57 -0.41
C ASP A 712 9.10 -0.84 0.79
N ILE A 713 8.48 -1.03 1.94
CA ILE A 713 8.94 -0.43 3.20
C ILE A 713 10.23 -1.10 3.71
N TRP A 714 10.34 -2.42 3.56
CA TRP A 714 11.60 -3.13 3.78
C TRP A 714 12.72 -2.52 2.92
N ALA A 715 12.45 -2.43 1.63
CA ALA A 715 13.39 -1.86 0.65
C ALA A 715 13.83 -0.44 0.99
N LEU A 716 12.89 0.32 1.55
CA LEU A 716 13.15 1.68 2.05
C LEU A 716 14.26 1.62 3.11
N GLY A 717 14.13 0.67 4.04
CA GLY A 717 15.14 0.39 5.07
C GLY A 717 16.47 -0.04 4.50
N VAL A 718 16.45 -0.83 3.42
CA VAL A 718 17.68 -1.19 2.72
C VAL A 718 18.36 0.07 2.18
N CYS A 719 17.59 0.96 1.53
CA CYS A 719 18.14 2.20 0.96
C CYS A 719 18.71 3.11 2.02
N LEU A 720 18.00 3.24 3.15
CA LEU A 720 18.45 4.10 4.23
C LEU A 720 19.76 3.59 4.75
N TYR A 721 19.87 2.28 4.89
CA TYR A 721 21.11 1.66 5.35
C TYR A 721 22.27 1.97 4.39
N GLU A 722 22.04 1.86 3.09
CA GLU A 722 23.05 2.29 2.10
C GLU A 722 23.45 3.74 2.24
N PHE A 723 22.48 4.62 2.49
CA PHE A 723 22.71 6.06 2.60
C PHE A 723 23.61 6.39 3.80
N ILE A 724 23.26 5.86 4.98
CA ILE A 724 23.91 6.22 6.24
C ILE A 724 25.21 5.43 6.45
N CYS A 725 25.11 4.11 6.33
CA CYS A 725 26.21 3.18 6.62
C CYS A 725 27.17 2.94 5.44
N GLY A 726 26.61 2.83 4.23
CA GLY A 726 27.40 2.68 2.99
C GLY A 726 27.12 1.40 2.24
N PRO A 727 27.63 0.25 2.75
CA PRO A 727 27.32 -1.04 2.12
C PRO A 727 25.85 -1.43 2.31
N LEU A 728 25.42 -2.49 1.63
CA LEU A 728 24.11 -3.08 1.86
C LEU A 728 24.08 -3.76 3.23
N PRO A 729 22.88 -3.85 3.84
CA PRO A 729 22.79 -4.53 5.13
C PRO A 729 22.92 -6.06 5.05
N PHE A 730 22.56 -6.65 3.91
CA PHE A 730 22.57 -8.10 3.72
C PHE A 730 23.26 -8.51 2.41
N GLY A 731 24.15 -9.50 2.49
CA GLY A 731 24.79 -10.10 1.32
C GLY A 731 25.60 -9.11 0.50
N ASN A 732 26.30 -8.21 1.20
CA ASN A 732 27.03 -7.12 0.55
C ASN A 732 28.17 -7.67 -0.31
N ASP A 733 28.98 -8.52 0.30
CA ASP A 733 30.02 -9.27 -0.42
C ASP A 733 29.47 -10.27 -1.46
N GLN A 734 28.38 -10.96 -1.10
CA GLN A 734 27.88 -12.13 -1.84
C GLN A 734 27.40 -11.86 -3.29
N GLU A 735 27.69 -12.82 -4.18
CA GLU A 735 27.18 -12.83 -5.56
C GLU A 735 26.10 -13.91 -5.77
N ASP A 736 26.27 -15.07 -5.14
CA ASP A 736 25.29 -16.17 -5.19
C ASP A 736 23.97 -15.78 -4.54
N GLN A 737 22.87 -15.88 -5.30
CA GLN A 737 21.53 -15.49 -4.86
C GLN A 737 21.07 -16.24 -3.61
N LEU A 738 21.42 -17.51 -3.53
CA LEU A 738 21.06 -18.32 -2.37
C LEU A 738 21.63 -17.74 -1.08
N GLU A 739 22.90 -17.36 -1.11
CA GLU A 739 23.57 -16.81 0.08
C GLU A 739 23.13 -15.39 0.44
N ILE A 740 22.56 -14.67 -0.53
CA ILE A 740 21.97 -13.35 -0.28
C ILE A 740 20.65 -13.52 0.47
N PHE A 741 19.76 -14.36 -0.09
CA PHE A 741 18.49 -14.67 0.56
C PHE A 741 18.70 -15.24 1.98
N ARG A 742 19.74 -16.06 2.15
CA ARG A 742 20.08 -16.61 3.45
C ARG A 742 20.46 -15.51 4.43
N ASP A 743 21.26 -14.55 3.97
CA ASP A 743 21.64 -13.43 4.83
C ASP A 743 20.42 -12.55 5.11
N ILE A 744 19.56 -12.37 4.11
CA ILE A 744 18.30 -11.66 4.28
C ILE A 744 17.40 -12.36 5.32
N LEU A 745 17.33 -13.69 5.28
CA LEU A 745 16.41 -14.41 6.17
C LEU A 745 16.94 -14.58 7.60
N THR A 746 18.17 -15.06 7.73
CA THR A 746 18.74 -15.44 9.03
C THR A 746 19.98 -14.66 9.47
N GLY A 747 20.51 -13.79 8.62
CA GLY A 747 21.71 -13.02 8.95
C GLY A 747 21.48 -12.00 10.06
N GLN A 748 22.57 -11.45 10.57
CA GLN A 748 22.54 -10.45 11.63
C GLN A 748 22.62 -9.03 11.06
N LEU A 749 21.72 -8.16 11.49
CA LEU A 749 21.81 -6.75 11.13
C LEU A 749 22.80 -6.10 12.10
N THR A 750 23.85 -5.50 11.56
CA THR A 750 24.84 -4.78 12.35
C THR A 750 25.02 -3.39 11.76
N PHE A 751 25.58 -2.49 12.57
CA PHE A 751 25.84 -1.11 12.17
C PHE A 751 27.28 -0.75 12.51
N PRO A 752 28.00 -0.12 11.56
CA PRO A 752 29.39 0.27 11.80
C PRO A 752 29.55 1.20 12.99
N ASP A 753 30.71 1.16 13.61
CA ASP A 753 31.05 2.06 14.72
C ASP A 753 30.99 3.56 14.42
N TYR A 754 31.11 3.94 13.14
CA TYR A 754 31.06 5.38 12.74
C TYR A 754 29.63 5.94 12.64
N VAL A 755 28.60 5.09 12.73
CA VAL A 755 27.20 5.54 12.72
C VAL A 755 26.82 5.99 14.13
N SER A 756 26.89 7.30 14.37
CA SER A 756 26.74 7.86 15.72
C SER A 756 25.32 8.29 16.12
N ASP A 757 24.35 8.12 15.23
CA ASP A 757 23.00 8.65 15.42
C ASP A 757 22.00 7.56 15.83
N GLN A 758 21.64 7.58 17.11
CA GLN A 758 20.70 6.63 17.71
C GLN A 758 19.37 6.53 16.94
N ASP A 759 18.79 7.68 16.56
CA ASP A 759 17.50 7.69 15.86
C ASP A 759 17.61 7.04 14.48
N SER A 760 18.68 7.35 13.75
CA SER A 760 18.94 6.72 12.44
C SER A 760 18.95 5.19 12.51
N ILE A 761 19.62 4.66 13.54
CA ILE A 761 19.71 3.23 13.75
C ILE A 761 18.34 2.66 14.09
N ASN A 762 17.67 3.29 15.05
CA ASN A 762 16.32 2.87 15.43
C ASN A 762 15.41 2.69 14.21
N LEU A 763 15.45 3.65 13.28
CA LEU A 763 14.59 3.61 12.10
C LEU A 763 15.00 2.48 11.16
N MET A 764 16.29 2.40 10.88
CA MET A 764 16.86 1.30 10.07
C MET A 764 16.47 -0.07 10.63
N LYS A 765 16.61 -0.26 11.94
CA LYS A 765 16.23 -1.55 12.54
C LYS A 765 14.75 -1.86 12.38
N ARG A 766 13.91 -0.83 12.49
CA ARG A 766 12.45 -1.02 12.42
C ARG A 766 11.91 -1.12 11.00
N LEU A 767 12.52 -0.41 10.06
CA LEU A 767 12.24 -0.67 8.64
C LEU A 767 12.76 -2.02 8.18
N LEU A 768 13.87 -2.49 8.75
CA LEU A 768 14.42 -3.82 8.40
C LEU A 768 13.98 -4.92 9.39
N CYS A 769 12.80 -4.75 9.98
CA CYS A 769 12.18 -5.80 10.78
C CYS A 769 11.71 -6.91 9.85
N ARG A 770 12.12 -8.14 10.10
CA ARG A 770 11.81 -9.26 9.20
C ARG A 770 10.32 -9.55 9.10
N LEU A 771 9.65 -9.64 10.25
CA LEU A 771 8.20 -9.85 10.29
C LEU A 771 7.50 -8.52 10.04
N PRO A 772 6.65 -8.43 8.99
CA PRO A 772 5.95 -7.17 8.63
C PRO A 772 5.07 -6.53 9.71
N GLN A 773 4.47 -7.35 10.56
CA GLN A 773 3.58 -6.89 11.63
CA GLN A 773 3.59 -6.86 11.63
C GLN A 773 4.33 -5.98 12.63
N GLY A 774 5.65 -6.22 12.79
CA GLY A 774 6.50 -5.40 13.66
C GLY A 774 7.35 -4.38 12.92
N ARG A 775 7.01 -4.11 11.66
CA ARG A 775 7.79 -3.23 10.82
C ARG A 775 7.16 -1.85 10.84
N ILE A 776 7.90 -0.85 11.27
CA ILE A 776 7.39 0.52 11.29
C ILE A 776 6.83 0.87 9.92
N GLY A 777 5.67 1.53 9.89
CA GLY A 777 4.98 1.86 8.65
C GLY A 777 3.96 0.85 8.14
N CYS A 778 3.85 -0.30 8.80
CA CYS A 778 3.01 -1.41 8.32
C CYS A 778 1.75 -1.65 9.14
N SER A 779 1.48 -0.78 10.11
CA SER A 779 0.26 -0.83 10.89
C SER A 779 -0.83 0.01 10.19
N ILE A 780 -1.95 0.23 10.86
CA ILE A 780 -3.08 0.92 10.24
C ILE A 780 -2.80 2.39 9.93
N ASN A 781 -1.88 3.00 10.68
CA ASN A 781 -1.44 4.38 10.45
C ASN A 781 -0.55 4.60 9.22
N GLY A 782 -0.06 3.51 8.61
CA GLY A 782 0.71 3.62 7.38
C GLY A 782 1.96 4.43 7.61
N PHE A 783 2.29 5.30 6.65
CA PHE A 783 3.56 6.04 6.68
C PHE A 783 3.65 7.10 7.76
N LYS A 784 2.52 7.44 8.39
CA LYS A 784 2.49 8.41 9.48
C LYS A 784 3.51 8.08 10.57
N ASP A 785 3.65 6.79 10.89
CA ASP A 785 4.61 6.33 11.91
C ASP A 785 6.07 6.50 11.47
N ILE A 786 6.34 6.36 10.18
CA ILE A 786 7.66 6.65 9.64
C ILE A 786 7.91 8.15 9.66
N LYS A 787 6.96 8.94 9.13
CA LYS A 787 7.12 10.40 9.05
C LYS A 787 7.29 11.07 10.41
N GLU A 788 6.65 10.51 11.43
CA GLU A 788 6.71 11.07 12.79
C GLU A 788 7.81 10.49 13.65
N HIS A 789 8.64 9.63 13.07
CA HIS A 789 9.76 9.02 13.77
C HIS A 789 10.81 10.08 14.07
N ALA A 790 11.46 9.95 15.22
CA ALA A 790 12.45 10.91 15.71
C ALA A 790 13.56 11.28 14.68
N PHE A 791 13.99 10.32 13.87
CA PHE A 791 14.91 10.58 12.74
C PHE A 791 14.49 11.76 11.86
N PHE A 792 13.18 11.90 11.65
CA PHE A 792 12.61 13.04 10.92
C PHE A 792 12.15 14.18 11.85
N GLY A 793 12.72 14.26 13.05
CA GLY A 793 12.24 15.20 14.08
C GLY A 793 12.33 16.67 13.72
N ASN A 794 13.26 17.03 12.86
CA ASN A 794 13.45 18.43 12.42
C ASN A 794 13.11 18.63 10.93
N PHE A 795 12.39 17.68 10.34
CA PHE A 795 12.24 17.63 8.90
C PHE A 795 10.87 18.14 8.55
N ASN A 796 10.83 19.14 7.67
CA ASN A 796 9.59 19.70 7.22
C ASN A 796 9.09 18.98 5.97
N TRP A 797 8.21 18.00 6.18
CA TRP A 797 7.56 17.28 5.06
C TRP A 797 6.80 18.21 4.12
N ASP A 798 6.21 19.24 4.70
CA ASP A 798 5.47 20.24 3.97
C ASP A 798 6.29 20.93 2.87
N LYS A 799 7.53 21.29 3.22
CA LYS A 799 8.46 21.94 2.28
C LYS A 799 9.04 20.99 1.22
N LEU A 800 9.08 19.69 1.52
CA LEU A 800 9.64 18.72 0.57
C LEU A 800 8.78 18.65 -0.66
N ALA A 801 7.50 18.36 -0.46
CA ALA A 801 6.52 18.30 -1.55
C ALA A 801 6.45 19.59 -2.39
N GLY A 802 6.56 20.74 -1.71
CA GLY A 802 6.52 22.04 -2.38
C GLY A 802 7.82 22.60 -2.95
N ARG A 803 8.87 21.80 -2.97
CA ARG A 803 10.18 22.21 -3.48
C ARG A 803 10.73 23.48 -2.80
N LEU A 804 10.61 23.52 -1.46
CA LEU A 804 11.13 24.63 -0.66
C LEU A 804 12.36 24.23 0.18
N LEU A 805 12.97 23.08 -0.11
CA LEU A 805 14.20 22.66 0.56
C LEU A 805 15.39 22.73 -0.40
N GLU A 806 16.56 23.11 0.11
CA GLU A 806 17.82 22.91 -0.61
C GLU A 806 18.06 21.40 -0.65
N PRO A 807 18.17 20.82 -1.87
CA PRO A 807 18.49 19.40 -1.94
C PRO A 807 19.99 19.13 -1.75
N PRO A 808 20.37 17.87 -1.54
CA PRO A 808 21.78 17.53 -1.31
C PRO A 808 22.72 17.81 -2.47
N LEU A 809 22.21 17.70 -3.69
CA LEU A 809 23.04 17.77 -4.88
C LEU A 809 22.24 18.37 -6.04
N VAL A 810 22.83 19.36 -6.71
CA VAL A 810 22.27 19.93 -7.93
C VAL A 810 23.29 19.74 -9.03
N SER A 811 22.91 19.04 -10.08
CA SER A 811 23.81 18.72 -11.19
C SER A 811 24.15 20.00 -11.98
N LYS A 812 25.44 20.21 -12.23
CA LYS A 812 25.91 21.27 -13.12
C LYS A 812 25.83 20.72 -14.55
N GLY A 813 24.87 21.20 -15.33
CA GLY A 813 24.57 20.62 -16.65
C GLY A 813 23.94 19.23 -16.56
N GLU A 814 23.74 18.60 -17.71
CA GLU A 814 23.01 17.31 -17.79
C GLU A 814 23.94 16.11 -17.52
N THR A 815 23.35 14.99 -17.09
CA THR A 815 24.09 13.78 -16.74
C THR A 815 23.33 12.53 -17.16
N TYR A 816 24.00 11.65 -17.91
CA TYR A 816 23.43 10.36 -18.35
C TYR A 816 24.52 9.27 -18.30
N ALA A 817 24.09 8.02 -18.12
CA ALA A 817 25.00 6.85 -18.14
C ALA A 817 25.23 6.34 -19.56
N ASP A 846 -4.07 -1.52 -28.42
CA ASP A 846 -4.38 -0.45 -27.48
C ASP A 846 -3.37 0.71 -27.58
N PHE A 847 -2.08 0.36 -27.57
CA PHE A 847 -0.96 1.34 -27.66
C PHE A 847 -1.13 2.38 -28.78
CAA 1FB B . 17.87 5.64 -19.34
CAV 1FB B . 17.59 6.24 -17.97
CAB 1FB B . 18.73 7.15 -17.53
CAC 1FB B . 17.45 5.11 -16.95
NAU 1FB B . 16.29 7.00 -18.05
NAM 1FB B . 15.12 6.28 -17.86
C4 1FB B . 16.04 8.31 -18.25
N3 1FB B . 16.95 9.28 -18.48
C2 1FB B . 16.37 10.48 -18.65
N1 1FB B . 15.08 10.79 -18.61
C6 1FB B . 14.18 9.81 -18.39
NAD 1FB B . 12.88 10.14 -18.35
C5 1FB B . 14.64 8.48 -18.19
CAR 1FB B . 14.18 7.15 -17.94
OAN 1FB B . 12.86 6.97 -17.76
CAQ 1FB B . 11.99 6.68 -18.84
CAJ 1FB B . 10.89 5.87 -18.59
CAO 1FB B . 9.98 5.67 -19.59
CL1 1FB B . 8.56 4.72 -19.25
CAG 1FB B . 10.14 6.22 -20.84
CAF 1FB B . 11.24 7.02 -21.08
CAH 1FB B . 12.18 7.26 -20.09
#